data_1SL1
#
_entry.id   1SL1
#
_cell.length_a   104.380
_cell.length_b   214.775
_cell.length_c   52.180
_cell.angle_alpha   90.00
_cell.angle_beta   90.00
_cell.angle_gamma   90.00
#
_symmetry.space_group_name_H-M   'P 21 21 2'
#
loop_
_entity.id
_entity.type
_entity.pdbx_description
1 polymer "5'-D(*CP*GP*AP*AP*AP*AP*CP*GP*AP*CP*GP*GP*CP*CP*AP*GP*TP*GP*CP*CP*TP*(2DA))-3'"
2 polymer "5'-D(*CP*CP*C*(TTD)P*AP*GP*GP*CP*AP*CP*TP*GP*GP*CP*CP*GP*TP*CP*GP*TP*TP*TP*TP*CP*G)-3'"
3 polymer 'DNA polymerase'
4 polymer 'Thioredoxin 1'
5 non-polymer 'MAGNESIUM ION'
6 water water
#
loop_
_entity_poly.entity_id
_entity_poly.type
_entity_poly.pdbx_seq_one_letter_code
_entity_poly.pdbx_strand_id
1 'polydeoxyribonucleotide'
;(DC)(DG)(DA)(DA)(DA)(DA)(DC)(DG)(DA)(DC)(DG)(DG)(DC)(DC)(DA)(DG)(DT)(DG)(DC)(DC)
(DT)(2DA)
;
P
2 'polydeoxyribonucleotide'
;(DC)(DC)(DC)(TTD)(DA)(DG)(DG)(DC)(DA)(DC)(DT)(DG)(DG)(DC)(DC)(DG)(DT)(DC)(DG)
(DT)(DT)(DT)(DT)(DC)(DG)
;
T
3 'polypeptide(L)'
;MIVSDIEANALLESVTKFHCGVIYDYSTAEYVSYRPSDFGAYLDALEAEVARGGLIVFHNGHKYDVPALTKLAKLQLNRE
FHLPRENCIDTLVLSRLIHSNLKDTDMGLLRSGKLPGALEAWGYRLGEMKGEYKDDFKRMLEEQGEEYVDGMEWWNFNEE
MMDYNVQDVVVTKALLEKLLSDKHYFPPEIDFTDVGYTTFWSESLEAVDIEHRAAWLLAKQERNGFPFDTKAIEELYVEL
AARRSELLRKLTETFGSWYQPKGGTEMFCHPRTGKPLPKYPRIKTPKVGGIFKKPKNKAQREGREPCELDTREYVAGAPY
TPVEHVVFNPSSRDHIQKKLQEAGWVPTKYTDKGAPVVDDEVLEGVRVDDPEKQAAIDLIKEYLMIQKRIGQSAEGDKAW
LRYVAEDGKIHGSVNPNGAVTGRATHAFPNLAQIPGVRSPYGEQCRAAFGAEHHLDGITGKPWVQAGIDASGLELRCLAH
FMARFDNGEYAHEILNGDIHTKNQIAAELPTRDNAKTFIYGFLYGAGDEKIGQIVGAGKERGKELKKKFLENTPAIAALR
ESIQQTLVESSQWVAGEQQVKWKRRWIKGLDGRKVHVRSPHAALNTLLQSAGALICKLWIIKTEEMLVEKGLKHGWDGDF
AYMAWVHDEIQVGCRTEEIAQVVIETAQEAMRWVGDHWNFRCLLDTEGKMGPNWAICH
;
A
4 'polypeptide(L)'
;SDKIIHLTDDSFDTDVLKADGAILVDFWAEWCGPCKMIAPILDEIADEYQGKLTVAKLNIDQNPGTAPKYGIRGIPTLLL
FKNGEVAATKVGALSKGQLKEFLDANLA
;
B
#
loop_
_chem_comp.id
_chem_comp.type
_chem_comp.name
_chem_comp.formula
2DA DNA linking 2',3'-DIDEOXYADENOSINE-5'-MONOPHOSPHATE 'C10 H14 N5 O5 P'
DA DNA linking 2'-DEOXYADENOSINE-5'-MONOPHOSPHATE 'C10 H14 N5 O6 P'
DC DNA linking 2'-DEOXYCYTIDINE-5'-MONOPHOSPHATE 'C9 H14 N3 O7 P'
DG DNA linking 2'-DEOXYGUANOSINE-5'-MONOPHOSPHATE 'C10 H14 N5 O7 P'
DT DNA linking THYMIDINE-5'-MONOPHOSPHATE 'C10 H15 N2 O8 P'
MG non-polymer 'MAGNESIUM ION' 'Mg 2'
TTD DNA linking 'CIS-SYN CYCLOBUTANE THYMINE DIMER' 'C20 H28 N4 O15 P2'
#
# COMPACT_ATOMS: atom_id res chain seq x y z
P 2DA A 22 -6.14 15.62 10.16
OP1 2DA A 22 -6.40 16.98 9.62
OP2 2DA A 22 -4.74 15.24 10.50
O5' 2DA A 22 -7.05 15.43 11.46
C5' 2DA A 22 -6.70 14.49 12.47
C4' 2DA A 22 -7.73 14.51 13.58
O4' 2DA A 22 -9.05 14.31 13.02
C3' 2DA A 22 -7.57 13.40 14.60
C2' 2DA A 22 -8.98 13.24 15.13
C1' 2DA A 22 -9.82 13.49 13.87
C4R TTD B 4 -4.15 4.05 14.17
O4' TTD B 4 -4.80 5.32 14.11
C3R TTD B 4 -5.22 2.96 14.03
O3R TTD B 4 -5.02 2.33 15.35
C2' TTD B 4 -6.46 3.89 13.82
C1' TTD B 4 -6.10 5.05 14.69
N1 TTD B 4 -6.64 6.45 14.58
C2 TTD B 4 -6.03 7.20 15.62
O2 TTD B 4 -5.21 6.71 16.42
N3 TTD B 4 -6.32 8.47 15.73
C4 TTD B 4 -7.17 9.18 14.97
O4 TTD B 4 -7.31 10.37 15.24
C5 TTD B 4 -7.87 8.47 13.86
C5A TTD B 4 -7.27 9.35 12.65
C6 TTD B 4 -7.60 7.08 13.66
PB TTD B 4 -5.56 1.06 16.21
O5P TTD B 4 -6.32 -0.07 15.67
O4P TTD B 4 -5.47 1.56 17.64
O5R TTD B 4 -7.08 1.67 16.30
C5R TTD B 4 -8.06 1.54 15.23
O4R TTD B 4 -8.76 3.84 15.53
C2R TTD B 4 -10.21 3.72 13.72
C1R TTD B 4 -9.86 4.46 14.99
N1T TTD B 4 -9.83 5.96 14.73
C2T TTD B 4 -10.53 6.63 15.70
O2T TTD B 4 -11.09 6.09 16.64
N3T TTD B 4 -10.63 7.97 15.61
C4T TTD B 4 -10.08 8.76 14.60
O4T TTD B 4 -10.32 9.95 14.73
C5T TTD B 4 -9.31 8.03 13.54
C5M TTD B 4 -9.83 8.59 12.14
C6T TTD B 4 -9.21 6.72 13.64
C4' TTD B 4 -9.23 2.48 15.47
C3' TTD B 4 -10.17 2.33 14.28
O3' TTD B 4 -11.48 1.87 14.65
N MET C 1 -23.88 14.98 -29.50
CA MET C 1 -22.98 14.25 -28.57
C MET C 1 -22.17 13.23 -29.33
N ILE C 2 -20.86 13.20 -29.07
CA ILE C 2 -20.01 12.22 -29.72
C ILE C 2 -19.25 11.44 -28.66
N VAL C 3 -18.88 10.21 -29.01
CA VAL C 3 -18.14 9.33 -28.11
C VAL C 3 -16.81 9.14 -28.82
N SER C 4 -15.71 9.20 -28.09
CA SER C 4 -14.43 9.07 -28.74
C SER C 4 -13.35 8.38 -27.92
N ASP C 5 -12.24 8.11 -28.58
CA ASP C 5 -11.09 7.47 -27.95
C ASP C 5 -9.91 7.58 -28.92
N ILE C 6 -8.70 7.64 -28.38
CA ILE C 6 -7.50 7.73 -29.24
C ILE C 6 -6.45 6.71 -28.83
N GLU C 7 -5.56 6.40 -29.77
CA GLU C 7 -4.46 5.50 -29.50
C GLU C 7 -3.23 6.35 -29.81
N ALA C 8 -2.27 6.37 -28.89
CA ALA C 8 -1.05 7.14 -29.09
C ALA C 8 0.13 6.27 -28.70
N ASN C 9 1.35 6.79 -28.84
CA ASN C 9 2.53 5.99 -28.56
C ASN C 9 3.02 5.87 -27.12
N ALA C 10 2.32 6.43 -26.15
CA ALA C 10 2.79 6.32 -24.77
C ALA C 10 1.85 6.94 -23.75
N LEU C 11 2.22 6.85 -22.48
CA LEU C 11 1.44 7.42 -21.39
C LEU C 11 1.63 8.92 -21.52
N LEU C 12 0.69 9.69 -20.99
CA LEU C 12 0.72 11.15 -21.07
C LEU C 12 2.08 11.79 -20.94
N GLU C 13 2.81 11.39 -19.90
CA GLU C 13 4.13 11.95 -19.60
C GLU C 13 5.15 11.99 -20.73
N SER C 14 5.16 10.98 -21.58
CA SER C 14 6.13 10.95 -22.67
C SER C 14 5.53 10.76 -24.06
N VAL C 15 4.22 10.88 -24.19
CA VAL C 15 3.58 10.70 -25.48
C VAL C 15 4.07 11.73 -26.51
N THR C 16 4.29 11.28 -27.74
CA THR C 16 4.78 12.18 -28.78
C THR C 16 4.09 11.93 -30.10
N LYS C 17 3.29 10.87 -30.17
CA LYS C 17 2.65 10.57 -31.43
C LYS C 17 1.22 10.03 -31.35
N PHE C 18 0.35 10.67 -32.10
CA PHE C 18 -1.05 10.29 -32.22
C PHE C 18 -1.08 9.19 -33.27
N HIS C 19 -1.54 7.99 -32.90
CA HIS C 19 -1.61 6.91 -33.86
C HIS C 19 -2.94 6.95 -34.59
N CYS C 20 -4.03 6.97 -33.83
CA CYS C 20 -5.35 7.03 -34.44
C CYS C 20 -6.45 7.41 -33.45
N GLY C 21 -7.63 7.65 -33.99
CA GLY C 21 -8.75 8.02 -33.14
C GLY C 21 -10.04 7.57 -33.80
N VAL C 22 -11.09 7.43 -33.00
CA VAL C 22 -12.37 7.02 -33.54
C VAL C 22 -13.46 7.90 -32.95
N ILE C 23 -14.43 8.26 -33.78
CA ILE C 23 -15.54 9.08 -33.33
C ILE C 23 -16.87 8.47 -33.72
N TYR C 24 -17.77 8.37 -32.74
CA TYR C 24 -19.11 7.89 -33.02
C TYR C 24 -19.95 9.12 -32.77
N ASP C 25 -20.72 9.53 -33.75
CA ASP C 25 -21.56 10.71 -33.62
C ASP C 25 -23.02 10.25 -33.44
N TYR C 26 -23.66 10.66 -32.35
CA TYR C 26 -25.06 10.27 -32.14
C TYR C 26 -25.98 10.88 -33.20
N SER C 27 -25.59 12.02 -33.75
CA SER C 27 -26.41 12.68 -34.77
C SER C 27 -26.39 11.97 -36.12
N THR C 28 -25.42 11.08 -36.34
CA THR C 28 -25.34 10.36 -37.62
C THR C 28 -25.29 8.86 -37.40
N ALA C 29 -25.17 8.45 -36.14
CA ALA C 29 -25.10 7.03 -35.80
C ALA C 29 -23.98 6.34 -36.56
N GLU C 30 -22.89 7.05 -36.82
CA GLU C 30 -21.78 6.47 -37.56
C GLU C 30 -20.40 6.57 -36.89
N TYR C 31 -19.60 5.53 -37.08
CA TYR C 31 -18.25 5.48 -36.55
C TYR C 31 -17.30 5.94 -37.66
N VAL C 32 -16.37 6.83 -37.30
CA VAL C 32 -15.40 7.33 -38.26
C VAL C 32 -14.00 7.13 -37.69
N SER C 33 -13.13 6.49 -38.47
CA SER C 33 -11.78 6.24 -38.02
C SER C 33 -10.85 7.30 -38.60
N TYR C 34 -9.85 7.69 -37.80
CA TYR C 34 -8.86 8.67 -38.23
C TYR C 34 -7.50 8.03 -38.02
N ARG C 35 -6.75 7.87 -39.10
CA ARG C 35 -5.43 7.27 -39.02
C ARG C 35 -4.39 8.35 -38.76
N PRO C 36 -3.10 7.99 -38.68
CA PRO C 36 -2.04 8.96 -38.43
C PRO C 36 -2.08 10.29 -39.18
N SER C 37 -2.35 10.23 -40.47
CA SER C 37 -2.38 11.46 -41.27
C SER C 37 -3.68 12.24 -41.18
N ASP C 38 -4.61 11.79 -40.33
CA ASP C 38 -5.88 12.47 -40.15
C ASP C 38 -5.96 13.20 -38.79
N PHE C 39 -4.84 13.22 -38.06
CA PHE C 39 -4.81 13.86 -36.75
C PHE C 39 -5.51 15.21 -36.80
N GLY C 40 -5.09 16.05 -37.74
CA GLY C 40 -5.70 17.37 -37.89
C GLY C 40 -7.21 17.33 -38.05
N ALA C 41 -7.69 16.42 -38.89
CA ALA C 41 -9.13 16.29 -39.12
C ALA C 41 -9.83 15.80 -37.85
N TYR C 42 -9.17 14.93 -37.11
CA TYR C 42 -9.73 14.41 -35.86
C TYR C 42 -9.98 15.62 -34.93
N LEU C 43 -8.96 16.44 -34.76
CA LEU C 43 -9.08 17.64 -33.91
C LEU C 43 -10.21 18.55 -34.38
N ASP C 44 -10.30 18.75 -35.69
CA ASP C 44 -11.33 19.60 -36.28
C ASP C 44 -12.72 19.07 -35.87
N ALA C 45 -12.90 17.76 -35.93
CA ALA C 45 -14.18 17.14 -35.58
C ALA C 45 -14.56 17.40 -34.11
N LEU C 46 -13.59 17.25 -33.22
CA LEU C 46 -13.85 17.52 -31.80
C LEU C 46 -14.24 18.97 -31.61
N GLU C 47 -13.48 19.89 -32.18
CA GLU C 47 -13.78 21.31 -32.02
C GLU C 47 -15.12 21.68 -32.63
N ALA C 48 -15.55 20.95 -33.66
CA ALA C 48 -16.83 21.23 -34.29
C ALA C 48 -17.95 20.84 -33.30
N GLU C 49 -17.74 19.75 -32.56
CA GLU C 49 -18.76 19.35 -31.58
C GLU C 49 -18.83 20.48 -30.54
N VAL C 50 -17.68 21.07 -30.21
CA VAL C 50 -17.64 22.18 -29.25
C VAL C 50 -18.35 23.42 -29.80
N ALA C 51 -18.12 23.72 -31.07
CA ALA C 51 -18.76 24.88 -31.70
C ALA C 51 -20.29 24.75 -31.60
N ARG C 52 -20.79 23.53 -31.66
CA ARG C 52 -22.23 23.29 -31.57
C ARG C 52 -22.73 23.30 -30.13
N GLY C 53 -21.84 23.57 -29.19
CA GLY C 53 -22.24 23.55 -27.80
C GLY C 53 -22.57 22.13 -27.41
N GLY C 54 -21.86 21.17 -28.02
CA GLY C 54 -22.10 19.76 -27.77
C GLY C 54 -21.27 19.14 -26.66
N LEU C 55 -21.21 17.81 -26.68
CA LEU C 55 -20.48 17.05 -25.68
C LEU C 55 -19.57 16.00 -26.28
N ILE C 56 -18.42 15.77 -25.65
CA ILE C 56 -17.49 14.77 -26.12
C ILE C 56 -17.29 13.76 -24.99
N VAL C 57 -17.54 12.49 -25.29
CA VAL C 57 -17.42 11.43 -24.29
C VAL C 57 -16.20 10.56 -24.46
N PHE C 58 -15.37 10.49 -23.42
CA PHE C 58 -14.18 9.63 -23.43
C PHE C 58 -14.27 8.74 -22.19
N HIS C 59 -13.46 7.68 -22.17
CA HIS C 59 -13.38 6.85 -20.99
C HIS C 59 -11.98 7.21 -20.46
N ASN C 60 -11.93 7.93 -19.33
CA ASN C 60 -10.67 8.37 -18.73
C ASN C 60 -10.04 9.48 -19.60
N GLY C 61 -10.89 10.21 -20.29
CA GLY C 61 -10.40 11.28 -21.13
C GLY C 61 -9.90 12.46 -20.30
N HIS C 62 -10.44 12.63 -19.09
CA HIS C 62 -10.02 13.76 -18.24
C HIS C 62 -8.55 13.71 -17.86
N LYS C 63 -8.04 12.50 -17.58
CA LYS C 63 -6.66 12.33 -17.22
C LYS C 63 -5.72 12.03 -18.39
N TYR C 64 -6.23 11.38 -19.43
CA TYR C 64 -5.37 11.03 -20.57
C TYR C 64 -5.70 11.70 -21.92
N ASP C 65 -6.74 11.22 -22.60
CA ASP C 65 -7.12 11.74 -23.92
C ASP C 65 -7.16 13.27 -24.09
N VAL C 66 -7.87 13.97 -23.21
CA VAL C 66 -7.95 15.42 -23.36
C VAL C 66 -6.59 16.12 -23.24
N PRO C 67 -5.84 15.89 -22.15
CA PRO C 67 -4.53 16.55 -22.04
C PRO C 67 -3.50 16.04 -23.06
N ALA C 68 -3.62 14.77 -23.47
CA ALA C 68 -2.68 14.23 -24.45
C ALA C 68 -2.91 14.89 -25.80
N LEU C 69 -4.17 15.17 -26.12
CA LEU C 69 -4.49 15.82 -27.39
C LEU C 69 -3.92 17.24 -27.45
N THR C 70 -3.97 17.95 -26.33
CA THR C 70 -3.41 19.30 -26.26
C THR C 70 -1.89 19.20 -26.47
N LYS C 71 -1.28 18.22 -25.82
CA LYS C 71 0.15 18.02 -25.94
C LYS C 71 0.55 17.64 -27.37
N LEU C 72 -0.16 16.68 -27.95
CA LEU C 72 0.13 16.22 -29.31
C LEU C 72 -0.19 17.23 -30.40
N ALA C 73 -1.25 18.03 -30.24
CA ALA C 73 -1.59 19.03 -31.24
C ALA C 73 -0.45 20.04 -31.34
N LYS C 74 0.11 20.39 -30.18
CA LYS C 74 1.21 21.34 -30.16
C LYS C 74 2.48 20.74 -30.77
N LEU C 75 2.87 19.55 -30.33
CA LEU C 75 4.07 18.89 -30.83
C LEU C 75 4.04 18.50 -32.32
N GLN C 76 2.95 17.89 -32.76
CA GLN C 76 2.87 17.44 -34.15
C GLN C 76 2.35 18.45 -35.16
N LEU C 77 1.49 19.36 -34.73
CA LEU C 77 0.90 20.31 -35.65
C LEU C 77 1.13 21.76 -35.31
N ASN C 78 1.87 22.01 -34.24
CA ASN C 78 2.11 23.37 -33.79
C ASN C 78 0.75 24.08 -33.64
N ARG C 79 -0.23 23.34 -33.11
CA ARG C 79 -1.58 23.88 -32.91
C ARG C 79 -1.98 23.94 -31.43
N GLU C 80 -2.71 24.99 -31.07
CA GLU C 80 -3.23 25.17 -29.72
C GLU C 80 -4.59 24.45 -29.68
N PHE C 81 -4.71 23.42 -28.86
CA PHE C 81 -5.96 22.67 -28.75
C PHE C 81 -6.30 22.52 -27.28
N HIS C 82 -7.47 23.02 -26.89
CA HIS C 82 -7.90 22.96 -25.50
C HIS C 82 -9.40 22.75 -25.38
N LEU C 83 -9.81 21.50 -25.25
CA LEU C 83 -11.23 21.20 -25.10
C LEU C 83 -11.66 21.76 -23.74
N PRO C 84 -12.77 22.50 -23.70
CA PRO C 84 -13.23 23.07 -22.43
C PRO C 84 -13.81 21.98 -21.53
N ARG C 85 -13.64 22.17 -20.23
CA ARG C 85 -14.14 21.24 -19.24
C ARG C 85 -15.65 20.98 -19.41
N GLU C 86 -16.40 22.05 -19.68
CA GLU C 86 -17.86 21.96 -19.84
C GLU C 86 -18.33 21.03 -20.96
N ASN C 87 -17.49 20.79 -21.95
CA ASN C 87 -17.88 19.93 -23.07
C ASN C 87 -17.44 18.48 -22.98
N CYS C 88 -16.81 18.12 -21.87
CA CYS C 88 -16.32 16.75 -21.74
C CYS C 88 -17.01 15.91 -20.68
N ILE C 89 -17.22 14.66 -21.04
CA ILE C 89 -17.84 13.66 -20.17
C ILE C 89 -16.84 12.50 -20.10
N ASP C 90 -16.71 11.89 -18.92
CA ASP C 90 -15.76 10.81 -18.73
C ASP C 90 -16.52 9.62 -18.14
N THR C 91 -16.65 8.54 -18.91
CA THR C 91 -17.38 7.37 -18.42
C THR C 91 -16.71 6.70 -17.23
N LEU C 92 -15.40 6.88 -17.09
CA LEU C 92 -14.74 6.32 -15.93
C LEU C 92 -15.22 7.11 -14.69
N VAL C 93 -15.22 8.43 -14.80
CA VAL C 93 -15.67 9.30 -13.71
C VAL C 93 -17.13 8.99 -13.36
N LEU C 94 -17.96 8.80 -14.37
CA LEU C 94 -19.36 8.49 -14.14
C LEU C 94 -19.53 7.13 -13.47
N SER C 95 -18.74 6.14 -13.88
CA SER C 95 -18.81 4.80 -13.31
C SER C 95 -18.42 4.82 -11.83
N ARG C 96 -17.38 5.59 -11.52
CA ARG C 96 -16.92 5.67 -10.15
C ARG C 96 -17.94 6.35 -9.26
N LEU C 97 -18.81 7.16 -9.86
CA LEU C 97 -19.85 7.82 -9.09
C LEU C 97 -21.03 6.87 -8.92
N ILE C 98 -21.54 6.35 -10.02
CA ILE C 98 -22.69 5.46 -9.99
C ILE C 98 -22.42 4.09 -9.39
N HIS C 99 -21.26 3.51 -9.67
CA HIS C 99 -20.91 2.20 -9.10
C HIS C 99 -19.81 2.35 -8.05
N SER C 100 -19.96 3.35 -7.20
CA SER C 100 -18.98 3.65 -6.16
C SER C 100 -18.74 2.51 -5.16
N ASN C 101 -19.68 1.56 -5.11
CA ASN C 101 -19.56 0.43 -4.19
C ASN C 101 -18.66 -0.66 -4.75
N LEU C 102 -18.21 -0.49 -5.99
CA LEU C 102 -17.33 -1.47 -6.62
C LEU C 102 -15.94 -0.86 -6.83
N LYS C 103 -14.94 -1.72 -6.97
CA LYS C 103 -13.58 -1.27 -7.21
C LYS C 103 -13.35 -1.43 -8.71
N ASP C 104 -12.21 -0.95 -9.21
CA ASP C 104 -11.86 -1.08 -10.62
C ASP C 104 -10.34 -1.19 -10.68
N THR C 105 -9.81 -1.59 -11.83
CA THR C 105 -8.37 -1.75 -11.98
C THR C 105 -7.63 -0.44 -12.22
N ASP C 106 -8.35 0.68 -12.16
CA ASP C 106 -7.75 1.99 -12.39
C ASP C 106 -7.03 1.94 -13.73
N MET C 107 -7.77 1.47 -14.73
CA MET C 107 -7.29 1.33 -16.10
C MET C 107 -6.15 0.35 -16.29
N GLY C 108 -6.20 -0.77 -15.58
CA GLY C 108 -5.18 -1.79 -15.71
C GLY C 108 -3.92 -1.63 -14.87
N LEU C 109 -3.85 -0.59 -14.05
CA LEU C 109 -2.67 -0.38 -13.20
C LEU C 109 -2.64 -1.39 -12.06
N LEU C 110 -3.81 -1.84 -11.64
CA LEU C 110 -3.97 -2.79 -10.54
C LEU C 110 -4.44 -4.14 -11.07
N ARG C 111 -3.93 -5.22 -10.48
CA ARG C 111 -4.32 -6.56 -10.89
C ARG C 111 -5.73 -6.85 -10.41
N SER C 112 -6.65 -7.00 -11.35
CA SER C 112 -8.05 -7.27 -11.03
C SER C 112 -8.17 -8.38 -10.01
N GLY C 113 -7.29 -9.38 -10.11
CA GLY C 113 -7.31 -10.50 -9.19
C GLY C 113 -7.21 -10.17 -7.72
N LYS C 114 -6.50 -9.08 -7.40
CA LYS C 114 -6.33 -8.68 -6.00
C LYS C 114 -7.48 -7.84 -5.44
N LEU C 115 -8.33 -7.33 -6.32
CA LEU C 115 -9.46 -6.50 -5.91
C LEU C 115 -10.60 -7.32 -5.31
N PRO C 116 -11.23 -6.79 -4.24
CA PRO C 116 -12.34 -7.50 -3.60
C PRO C 116 -13.65 -7.28 -4.38
N GLY C 117 -14.61 -8.18 -4.20
CA GLY C 117 -15.88 -8.05 -4.88
C GLY C 117 -15.89 -8.21 -6.40
N ALA C 118 -16.98 -7.78 -7.01
CA ALA C 118 -17.13 -7.89 -8.47
C ALA C 118 -16.69 -6.61 -9.17
N LEU C 119 -16.56 -6.68 -10.48
CA LEU C 119 -16.16 -5.53 -11.28
C LEU C 119 -17.15 -5.34 -12.42
N GLU C 120 -17.45 -4.08 -12.74
CA GLU C 120 -18.38 -3.75 -13.80
C GLU C 120 -17.77 -4.22 -15.14
N ALA C 121 -18.55 -5.02 -15.86
CA ALA C 121 -18.13 -5.61 -17.14
C ALA C 121 -17.50 -4.71 -18.20
N TRP C 122 -18.22 -3.69 -18.65
CA TRP C 122 -17.68 -2.80 -19.67
C TRP C 122 -16.40 -2.11 -19.18
N GLY C 123 -16.45 -1.63 -17.94
CA GLY C 123 -15.30 -0.96 -17.37
C GLY C 123 -14.11 -1.89 -17.30
N TYR C 124 -14.34 -3.14 -16.91
CA TYR C 124 -13.24 -4.10 -16.83
C TYR C 124 -12.58 -4.25 -18.19
N ARG C 125 -13.38 -4.44 -19.24
CA ARG C 125 -12.86 -4.61 -20.59
C ARG C 125 -11.96 -3.45 -21.04
N LEU C 126 -12.42 -2.23 -20.79
CA LEU C 126 -11.69 -1.04 -21.18
C LEU C 126 -10.33 -1.00 -20.48
N GLY C 127 -10.32 -1.34 -19.19
CA GLY C 127 -9.09 -1.32 -18.42
C GLY C 127 -8.10 -2.42 -18.79
N GLU C 128 -8.59 -3.48 -19.46
CA GLU C 128 -7.73 -4.59 -19.86
C GLU C 128 -7.31 -4.52 -21.32
N MET C 129 -7.86 -3.56 -22.07
CA MET C 129 -7.57 -3.42 -23.48
C MET C 129 -6.08 -3.42 -23.84
N LYS C 130 -5.31 -2.51 -23.25
CA LYS C 130 -3.88 -2.42 -23.53
C LYS C 130 -3.18 -3.77 -23.37
N GLY C 131 -3.40 -4.42 -22.23
CA GLY C 131 -2.79 -5.72 -21.99
C GLY C 131 -3.27 -6.76 -23.00
N GLU C 132 -4.52 -6.63 -23.40
CA GLU C 132 -5.11 -7.54 -24.38
C GLU C 132 -4.45 -7.33 -25.75
N TYR C 133 -4.31 -6.07 -26.13
CA TYR C 133 -3.69 -5.72 -27.40
C TYR C 133 -2.25 -6.23 -27.41
N LYS C 134 -1.56 -6.08 -26.29
CA LYS C 134 -0.17 -6.51 -26.16
C LYS C 134 -0.05 -8.03 -26.33
N ASP C 135 -1.08 -8.76 -25.91
CA ASP C 135 -1.08 -10.21 -26.02
C ASP C 135 -1.33 -10.68 -27.45
N ASP C 136 -2.06 -9.88 -28.22
CA ASP C 136 -2.35 -10.21 -29.61
C ASP C 136 -1.13 -9.90 -30.47
N PHE C 137 -0.42 -8.83 -30.10
CA PHE C 137 0.78 -8.42 -30.81
C PHE C 137 1.86 -9.46 -30.53
N LYS C 138 2.06 -9.76 -29.25
CA LYS C 138 3.04 -10.75 -28.81
C LYS C 138 2.86 -12.05 -29.58
N ARG C 139 1.60 -12.46 -29.78
CA ARG C 139 1.31 -13.70 -30.48
C ARG C 139 1.65 -13.63 -31.97
N MET C 140 1.11 -12.64 -32.66
CA MET C 140 1.36 -12.51 -34.10
C MET C 140 2.85 -12.52 -34.43
N LEU C 141 3.67 -12.03 -33.51
CA LEU C 141 5.12 -12.03 -33.72
C LEU C 141 5.68 -13.41 -33.42
N GLU C 142 5.27 -13.96 -32.28
CA GLU C 142 5.72 -15.28 -31.86
C GLU C 142 5.32 -16.35 -32.87
N GLU C 143 4.37 -16.01 -33.75
CA GLU C 143 3.91 -16.94 -34.76
C GLU C 143 4.71 -16.77 -36.05
N GLN C 144 5.34 -15.61 -36.19
CA GLN C 144 6.14 -15.31 -37.38
C GLN C 144 7.64 -15.39 -37.10
N GLY C 145 8.00 -16.16 -36.06
CA GLY C 145 9.39 -16.31 -35.70
C GLY C 145 10.11 -14.98 -35.54
N GLU C 146 9.43 -14.02 -34.91
CA GLU C 146 10.00 -12.70 -34.71
C GLU C 146 10.07 -12.36 -33.23
N GLU C 147 11.20 -11.81 -32.79
CA GLU C 147 11.40 -11.45 -31.39
C GLU C 147 10.49 -10.31 -30.94
N TYR C 148 10.20 -10.27 -29.65
CA TYR C 148 9.34 -9.24 -29.07
C TYR C 148 10.11 -8.40 -28.06
N VAL C 149 9.85 -7.09 -28.06
CA VAL C 149 10.50 -6.18 -27.13
C VAL C 149 9.46 -5.56 -26.21
N ASP C 150 9.73 -5.64 -24.91
CA ASP C 150 8.84 -5.15 -23.85
C ASP C 150 7.59 -4.38 -24.27
N GLY C 151 7.75 -3.22 -24.91
CA GLY C 151 6.56 -2.45 -25.29
C GLY C 151 6.48 -1.96 -26.74
N MET C 152 7.05 -2.72 -27.66
CA MET C 152 7.05 -2.33 -29.06
C MET C 152 5.66 -2.22 -29.71
N GLU C 153 4.65 -2.81 -29.09
CA GLU C 153 3.30 -2.76 -29.66
C GLU C 153 2.79 -1.32 -29.81
N TRP C 154 3.33 -0.40 -29.02
CA TRP C 154 2.89 1.00 -29.07
C TRP C 154 3.78 1.95 -29.87
N TRP C 155 4.81 1.43 -30.52
CA TRP C 155 5.72 2.28 -31.29
C TRP C 155 5.14 2.81 -32.59
N ASN C 156 4.41 1.98 -33.31
CA ASN C 156 3.85 2.40 -34.59
C ASN C 156 2.39 2.03 -34.75
N PHE C 157 1.69 2.77 -35.61
CA PHE C 157 0.29 2.52 -35.90
C PHE C 157 0.19 1.24 -36.74
N ASN C 158 -0.92 0.53 -36.58
CA ASN C 158 -1.17 -0.68 -37.36
C ASN C 158 -2.66 -0.99 -37.30
N GLU C 159 -3.15 -1.79 -38.23
CA GLU C 159 -4.58 -2.11 -38.29
C GLU C 159 -5.16 -2.83 -37.07
N GLU C 160 -4.35 -3.59 -36.35
CA GLU C 160 -4.84 -4.29 -35.16
C GLU C 160 -5.16 -3.24 -34.10
N MET C 161 -4.30 -2.21 -34.03
CA MET C 161 -4.46 -1.11 -33.08
C MET C 161 -5.72 -0.33 -33.42
N MET C 162 -5.92 -0.08 -34.70
CA MET C 162 -7.08 0.65 -35.17
C MET C 162 -8.33 -0.12 -34.74
N ASP C 163 -8.32 -1.44 -34.92
CA ASP C 163 -9.46 -2.27 -34.53
C ASP C 163 -9.77 -2.17 -33.04
N TYR C 164 -8.74 -2.16 -32.21
CA TYR C 164 -8.92 -2.04 -30.78
C TYR C 164 -9.53 -0.66 -30.47
N ASN C 165 -9.08 0.35 -31.19
CA ASN C 165 -9.58 1.72 -31.02
C ASN C 165 -11.10 1.73 -31.27
N VAL C 166 -11.52 1.18 -32.40
CA VAL C 166 -12.94 1.13 -32.72
C VAL C 166 -13.70 0.34 -31.65
N GLN C 167 -13.11 -0.75 -31.16
CA GLN C 167 -13.75 -1.56 -30.13
C GLN C 167 -13.92 -0.74 -28.85
N ASP C 168 -12.94 0.12 -28.57
CA ASP C 168 -12.97 0.98 -27.38
C ASP C 168 -14.21 1.87 -27.40
N VAL C 169 -14.47 2.49 -28.54
CA VAL C 169 -15.60 3.39 -28.68
C VAL C 169 -16.93 2.63 -28.62
N VAL C 170 -16.98 1.40 -29.12
CA VAL C 170 -18.23 0.65 -29.06
C VAL C 170 -18.51 0.29 -27.61
N VAL C 171 -17.49 -0.12 -26.87
CA VAL C 171 -17.65 -0.48 -25.47
C VAL C 171 -17.95 0.75 -24.60
N THR C 172 -17.37 1.89 -24.94
CA THR C 172 -17.59 3.13 -24.18
C THR C 172 -18.99 3.63 -24.41
N LYS C 173 -19.48 3.49 -25.64
CA LYS C 173 -20.84 3.90 -25.97
C LYS C 173 -21.80 3.03 -25.13
N ALA C 174 -21.54 1.72 -25.09
CA ALA C 174 -22.38 0.81 -24.31
C ALA C 174 -22.36 1.17 -22.82
N LEU C 175 -21.18 1.47 -22.31
CA LEU C 175 -21.03 1.82 -20.91
C LEU C 175 -21.83 3.09 -20.63
N LEU C 176 -21.63 4.09 -21.48
CA LEU C 176 -22.31 5.37 -21.34
C LEU C 176 -23.82 5.23 -21.23
N GLU C 177 -24.41 4.51 -22.18
CA GLU C 177 -25.85 4.33 -22.18
C GLU C 177 -26.30 3.55 -20.95
N LYS C 178 -25.46 2.67 -20.46
CA LYS C 178 -25.78 1.90 -19.26
C LYS C 178 -25.79 2.87 -18.08
N LEU C 179 -24.78 3.74 -18.00
CA LEU C 179 -24.70 4.71 -16.92
C LEU C 179 -25.87 5.68 -16.97
N LEU C 180 -26.22 6.12 -18.19
CA LEU C 180 -27.32 7.05 -18.38
C LEU C 180 -28.70 6.41 -18.13
N SER C 181 -28.76 5.09 -18.07
CA SER C 181 -30.03 4.41 -17.82
C SER C 181 -30.37 4.43 -16.31
N ASP C 182 -29.47 4.98 -15.51
CA ASP C 182 -29.72 5.06 -14.08
C ASP C 182 -30.55 6.30 -13.78
N LYS C 183 -31.85 6.09 -13.54
CA LYS C 183 -32.81 7.17 -13.26
C LYS C 183 -32.51 8.04 -12.04
N HIS C 184 -31.77 7.50 -11.06
CA HIS C 184 -31.45 8.29 -9.88
C HIS C 184 -30.57 9.49 -10.26
N TYR C 185 -29.69 9.30 -11.24
CA TYR C 185 -28.79 10.37 -11.66
C TYR C 185 -29.22 11.10 -12.93
N PHE C 186 -30.06 10.45 -13.72
CA PHE C 186 -30.52 11.07 -14.96
C PHE C 186 -32.03 10.89 -15.15
N PRO C 187 -32.80 11.98 -15.01
CA PRO C 187 -34.26 11.87 -15.17
C PRO C 187 -34.60 11.12 -16.46
N PRO C 188 -35.52 10.14 -16.38
CA PRO C 188 -35.96 9.32 -17.51
C PRO C 188 -36.61 10.12 -18.66
N GLU C 189 -37.19 11.26 -18.34
CA GLU C 189 -37.87 12.09 -19.34
C GLU C 189 -36.94 12.85 -20.28
N ILE C 190 -35.64 12.74 -20.05
CA ILE C 190 -34.68 13.44 -20.90
C ILE C 190 -33.72 12.47 -21.58
N ASP C 191 -33.53 12.66 -22.88
CA ASP C 191 -32.60 11.82 -23.62
C ASP C 191 -31.27 12.55 -23.51
N PHE C 192 -30.40 12.10 -22.61
CA PHE C 192 -29.13 12.79 -22.42
C PHE C 192 -28.11 12.59 -23.53
N THR C 193 -28.44 11.77 -24.53
CA THR C 193 -27.52 11.56 -25.64
C THR C 193 -27.95 12.51 -26.75
N ASP C 194 -28.90 13.39 -26.44
CA ASP C 194 -29.43 14.33 -27.42
C ASP C 194 -29.64 15.73 -26.87
N VAL C 195 -28.75 16.17 -25.99
CA VAL C 195 -28.86 17.51 -25.41
C VAL C 195 -27.51 18.24 -25.46
N GLY C 196 -27.58 19.56 -25.32
CA GLY C 196 -26.37 20.37 -25.30
C GLY C 196 -25.71 20.25 -23.92
N TYR C 197 -24.47 20.72 -23.81
CA TYR C 197 -23.74 20.60 -22.55
C TYR C 197 -24.37 21.32 -21.37
N THR C 198 -24.89 22.53 -21.58
CA THR C 198 -25.49 23.24 -20.46
C THR C 198 -26.67 22.46 -19.88
N THR C 199 -27.50 21.87 -20.76
CA THR C 199 -28.64 21.07 -20.31
C THR C 199 -28.19 19.77 -19.62
N PHE C 200 -27.14 19.16 -20.13
CA PHE C 200 -26.64 17.91 -19.55
C PHE C 200 -26.26 18.09 -18.08
N TRP C 201 -25.50 19.14 -17.78
CA TRP C 201 -25.08 19.41 -16.40
C TRP C 201 -26.24 19.91 -15.52
N SER C 202 -27.06 20.80 -16.08
CA SER C 202 -28.17 21.36 -15.32
C SER C 202 -29.33 20.42 -15.01
N GLU C 203 -29.62 19.48 -15.90
CA GLU C 203 -30.73 18.55 -15.71
C GLU C 203 -30.37 17.23 -15.02
N SER C 204 -29.09 16.93 -14.89
CA SER C 204 -28.66 15.68 -14.24
C SER C 204 -28.45 15.96 -12.76
N LEU C 205 -28.36 14.91 -11.96
CA LEU C 205 -28.15 15.07 -10.52
C LEU C 205 -26.89 15.90 -10.31
N GLU C 206 -26.91 16.80 -9.33
CA GLU C 206 -25.77 17.65 -9.05
C GLU C 206 -24.43 16.90 -8.95
N ALA C 207 -24.45 15.70 -8.37
CA ALA C 207 -23.25 14.88 -8.23
C ALA C 207 -22.52 14.64 -9.56
N VAL C 208 -23.26 14.59 -10.66
CA VAL C 208 -22.63 14.37 -11.97
C VAL C 208 -21.70 15.52 -12.33
N ASP C 209 -22.14 16.74 -12.09
CA ASP C 209 -21.35 17.93 -12.38
C ASP C 209 -20.16 17.99 -11.42
N ILE C 210 -20.41 17.79 -10.13
CA ILE C 210 -19.35 17.85 -9.14
C ILE C 210 -18.22 16.85 -9.43
N GLU C 211 -18.56 15.61 -9.76
CA GLU C 211 -17.52 14.62 -10.05
C GLU C 211 -16.67 14.96 -11.28
N HIS C 212 -17.29 15.53 -12.31
CA HIS C 212 -16.52 15.88 -13.50
C HIS C 212 -15.59 17.05 -13.19
N ARG C 213 -16.09 18.02 -12.44
CA ARG C 213 -15.27 19.16 -12.06
C ARG C 213 -14.11 18.71 -11.17
N ALA C 214 -14.39 17.85 -10.19
CA ALA C 214 -13.32 17.38 -9.31
C ALA C 214 -12.25 16.64 -10.12
N ALA C 215 -12.69 15.75 -11.02
CA ALA C 215 -11.77 14.98 -11.84
C ALA C 215 -10.92 15.85 -12.76
N TRP C 216 -11.51 16.92 -13.29
CA TRP C 216 -10.79 17.81 -14.19
C TRP C 216 -9.71 18.54 -13.39
N LEU C 217 -10.09 19.09 -12.24
CA LEU C 217 -9.15 19.81 -11.40
C LEU C 217 -8.03 18.91 -10.86
N LEU C 218 -8.38 17.70 -10.42
CA LEU C 218 -7.38 16.79 -9.89
C LEU C 218 -6.44 16.25 -10.98
N ALA C 219 -6.94 16.13 -12.20
CA ALA C 219 -6.08 15.69 -13.29
C ALA C 219 -5.04 16.80 -13.46
N LYS C 220 -5.49 18.05 -13.37
CA LYS C 220 -4.57 19.18 -13.47
C LYS C 220 -3.60 19.12 -12.29
N GLN C 221 -4.09 18.74 -11.11
CA GLN C 221 -3.21 18.66 -9.95
C GLN C 221 -2.11 17.61 -10.17
N GLU C 222 -2.48 16.47 -10.75
CA GLU C 222 -1.52 15.41 -11.04
C GLU C 222 -0.43 15.91 -11.99
N ARG C 223 -0.85 16.61 -13.06
CA ARG C 223 0.09 17.15 -14.04
C ARG C 223 1.00 18.19 -13.38
N ASN C 224 0.47 18.95 -12.42
CA ASN C 224 1.26 19.95 -11.70
C ASN C 224 2.38 19.23 -10.96
N GLY C 225 2.01 18.21 -10.20
CA GLY C 225 2.96 17.46 -9.41
C GLY C 225 3.27 18.22 -8.13
N PHE C 226 4.01 17.58 -7.23
CA PHE C 226 4.41 18.19 -5.96
C PHE C 226 5.93 18.37 -6.01
N PRO C 227 6.43 19.63 -6.04
CA PRO C 227 7.88 19.86 -6.09
C PRO C 227 8.57 19.05 -5.00
N PHE C 228 9.61 18.30 -5.37
CA PHE C 228 10.29 17.39 -4.46
C PHE C 228 11.80 17.62 -4.33
N ASP C 229 12.27 17.68 -3.09
CA ASP C 229 13.70 17.90 -2.81
C ASP C 229 14.47 16.58 -2.92
N THR C 230 14.74 16.13 -4.14
CA THR C 230 15.45 14.87 -4.36
C THR C 230 16.74 14.77 -3.53
N LYS C 231 17.61 15.76 -3.66
CA LYS C 231 18.89 15.75 -2.94
C LYS C 231 18.74 15.56 -1.43
N ALA C 232 17.78 16.24 -0.81
CA ALA C 232 17.58 16.10 0.63
C ALA C 232 17.16 14.68 1.03
N ILE C 233 16.31 14.06 0.21
CA ILE C 233 15.86 12.73 0.52
C ILE C 233 16.98 11.70 0.32
N GLU C 234 17.87 11.97 -0.63
CA GLU C 234 19.01 11.10 -0.86
C GLU C 234 19.94 11.16 0.35
N GLU C 235 20.08 12.33 0.95
CA GLU C 235 20.92 12.50 2.12
C GLU C 235 20.24 11.82 3.30
N LEU C 236 18.91 11.86 3.32
CA LEU C 236 18.18 11.21 4.39
C LEU C 236 18.37 9.71 4.24
N TYR C 237 18.40 9.25 2.99
CA TYR C 237 18.58 7.84 2.69
C TYR C 237 19.95 7.36 3.19
N VAL C 238 21.00 8.14 2.92
CA VAL C 238 22.34 7.76 3.39
C VAL C 238 22.34 7.64 4.92
N GLU C 239 21.75 8.62 5.59
CA GLU C 239 21.66 8.62 7.04
C GLU C 239 20.91 7.40 7.59
N LEU C 240 19.75 7.10 7.00
CA LEU C 240 18.94 5.97 7.43
C LEU C 240 19.65 4.64 7.22
N ALA C 241 20.31 4.50 6.07
CA ALA C 241 21.02 3.26 5.75
C ALA C 241 22.16 3.00 6.73
N ALA C 242 22.86 4.06 7.12
CA ALA C 242 23.98 3.93 8.06
C ALA C 242 23.42 3.46 9.41
N ARG C 243 22.36 4.10 9.87
CA ARG C 243 21.76 3.69 11.13
C ARG C 243 21.19 2.26 11.04
N ARG C 244 20.76 1.86 9.85
CA ARG C 244 20.23 0.52 9.67
C ARG C 244 21.34 -0.51 9.84
N SER C 245 22.47 -0.30 9.18
CA SER C 245 23.60 -1.21 9.29
C SER C 245 24.03 -1.35 10.75
N GLU C 246 24.28 -0.21 11.40
CA GLU C 246 24.71 -0.21 12.79
C GLU C 246 23.74 -0.98 13.69
N LEU C 247 22.44 -0.79 13.46
CA LEU C 247 21.45 -1.49 14.26
C LEU C 247 21.51 -2.97 13.95
N LEU C 248 21.81 -3.31 12.70
CA LEU C 248 21.92 -4.71 12.29
C LEU C 248 23.14 -5.34 12.96
N ARG C 249 24.26 -4.62 12.89
CA ARG C 249 25.51 -5.10 13.49
C ARG C 249 25.30 -5.45 14.95
N LYS C 250 24.67 -4.54 15.70
CA LYS C 250 24.40 -4.76 17.12
C LYS C 250 23.49 -5.95 17.36
N LEU C 251 22.33 -5.95 16.72
CA LEU C 251 21.36 -7.03 16.87
C LEU C 251 21.86 -8.41 16.46
N THR C 252 22.70 -8.47 15.43
CA THR C 252 23.23 -9.74 14.96
C THR C 252 24.28 -10.25 15.94
N GLU C 253 24.88 -9.33 16.69
CA GLU C 253 25.88 -9.72 17.67
C GLU C 253 25.09 -10.30 18.85
N THR C 254 24.08 -9.57 19.28
CA THR C 254 23.23 -10.00 20.40
C THR C 254 22.52 -11.32 20.10
N PHE C 255 21.91 -11.42 18.92
CA PHE C 255 21.21 -12.64 18.51
C PHE C 255 22.01 -13.26 17.39
N GLY C 256 22.64 -14.40 17.66
CA GLY C 256 23.44 -15.04 16.64
C GLY C 256 22.66 -15.93 15.70
N SER C 257 23.33 -16.37 14.63
CA SER C 257 22.72 -17.22 13.64
C SER C 257 22.43 -18.62 14.18
N TRP C 258 21.71 -19.42 13.41
CA TRP C 258 21.36 -20.77 13.79
C TRP C 258 21.08 -21.58 12.54
N TYR C 259 20.75 -22.86 12.70
CA TYR C 259 20.46 -23.70 11.56
C TYR C 259 18.99 -24.07 11.52
N GLN C 260 18.49 -24.31 10.32
CA GLN C 260 17.09 -24.68 10.12
C GLN C 260 16.98 -25.70 8.99
N PRO C 261 16.05 -26.64 9.10
CA PRO C 261 15.87 -27.65 8.06
C PRO C 261 15.47 -27.00 6.75
N LYS C 262 15.97 -27.54 5.65
CA LYS C 262 15.67 -27.01 4.32
C LYS C 262 16.10 -27.96 3.21
N GLY C 263 15.17 -28.31 2.34
CA GLY C 263 15.47 -29.20 1.24
C GLY C 263 15.10 -30.65 1.47
N GLY C 264 14.45 -30.94 2.59
CA GLY C 264 14.05 -32.30 2.87
C GLY C 264 12.95 -32.69 1.91
N THR C 265 13.03 -33.90 1.36
CA THR C 265 12.02 -34.37 0.42
C THR C 265 11.46 -35.74 0.81
N GLU C 266 11.78 -36.21 2.01
CA GLU C 266 11.29 -37.50 2.44
C GLU C 266 10.75 -37.49 3.86
N MET C 267 9.57 -38.07 4.03
CA MET C 267 8.93 -38.15 5.32
C MET C 267 9.82 -38.96 6.27
N PHE C 268 9.97 -38.49 7.51
CA PHE C 268 10.78 -39.23 8.47
C PHE C 268 9.87 -40.26 9.12
N CYS C 269 10.28 -41.52 9.07
CA CYS C 269 9.49 -42.59 9.67
C CYS C 269 10.26 -43.32 10.76
N HIS C 270 9.57 -43.59 11.86
CA HIS C 270 10.17 -44.28 12.98
C HIS C 270 10.75 -45.63 12.51
N PRO C 271 12.08 -45.77 12.51
CA PRO C 271 12.78 -47.00 12.09
C PRO C 271 12.23 -48.26 12.73
N ARG C 272 11.73 -48.13 13.95
CA ARG C 272 11.18 -49.26 14.69
C ARG C 272 9.92 -49.76 14.00
N THR C 273 8.87 -48.95 14.06
CA THR C 273 7.59 -49.31 13.46
C THR C 273 7.48 -48.97 11.97
N GLY C 274 7.83 -47.74 11.61
CA GLY C 274 7.73 -47.31 10.23
C GLY C 274 6.69 -46.22 10.22
N LYS C 275 6.23 -45.90 11.43
CA LYS C 275 5.22 -44.88 11.66
C LYS C 275 5.68 -43.55 11.08
N PRO C 276 4.89 -42.96 10.17
CA PRO C 276 5.26 -41.68 9.58
C PRO C 276 5.31 -40.60 10.67
N LEU C 277 6.29 -39.71 10.57
CA LEU C 277 6.43 -38.63 11.53
C LEU C 277 6.48 -37.31 10.76
N PRO C 278 5.30 -36.82 10.34
CA PRO C 278 5.15 -35.57 9.59
C PRO C 278 5.65 -34.35 10.34
N LYS C 279 5.64 -34.44 11.67
CA LYS C 279 6.09 -33.34 12.52
C LYS C 279 7.61 -33.17 12.43
N TYR C 280 8.34 -34.28 12.38
CA TYR C 280 9.79 -34.22 12.26
C TYR C 280 10.13 -33.60 10.91
N PRO C 281 11.20 -32.79 10.84
CA PRO C 281 11.56 -32.17 9.57
C PRO C 281 11.90 -33.21 8.51
N ARG C 282 11.73 -32.83 7.25
CA ARG C 282 12.01 -33.73 6.13
C ARG C 282 13.50 -34.09 6.04
N ILE C 283 13.75 -35.32 5.62
CA ILE C 283 15.10 -35.83 5.49
C ILE C 283 15.40 -36.20 4.05
N LYS C 284 16.64 -36.63 3.81
CA LYS C 284 17.06 -37.06 2.50
C LYS C 284 17.84 -38.35 2.75
N THR C 285 17.66 -39.33 1.89
CA THR C 285 18.38 -40.60 2.04
C THR C 285 19.25 -40.81 0.80
N PRO C 286 20.57 -40.66 0.95
CA PRO C 286 21.50 -40.84 -0.16
C PRO C 286 21.40 -42.23 -0.79
N LYS C 287 21.41 -42.27 -2.12
CA LYS C 287 21.31 -43.52 -2.86
C LYS C 287 22.69 -44.11 -3.11
N VAL C 288 23.69 -43.25 -3.20
CA VAL C 288 25.06 -43.70 -3.43
C VAL C 288 26.00 -43.31 -2.29
N GLY C 289 27.19 -43.90 -2.30
CA GLY C 289 28.18 -43.61 -1.27
C GLY C 289 28.43 -44.80 -0.35
N GLY C 290 29.68 -44.92 0.09
CA GLY C 290 30.05 -46.01 0.98
C GLY C 290 31.29 -45.65 1.77
N ILE C 291 31.63 -46.47 2.75
CA ILE C 291 32.82 -46.24 3.56
C ILE C 291 34.03 -46.35 2.64
N PHE C 292 34.11 -47.44 1.90
CA PHE C 292 35.21 -47.67 0.97
C PHE C 292 34.64 -47.88 -0.43
N LYS C 293 34.82 -46.88 -1.31
CA LYS C 293 34.30 -46.93 -2.68
C LYS C 293 34.51 -48.27 -3.39
N LYS C 294 33.65 -48.52 -4.38
CA LYS C 294 33.66 -49.76 -5.17
C LYS C 294 35.03 -50.18 -5.70
N PRO C 295 35.36 -51.48 -5.55
CA PRO C 295 36.63 -52.04 -6.01
C PRO C 295 36.73 -52.09 -7.54
N GLU C 305 43.08 -57.76 -0.72
CA GLU C 305 43.49 -56.36 -1.07
C GLU C 305 42.44 -55.34 -0.65
N PRO C 306 42.71 -54.57 0.42
CA PRO C 306 41.78 -53.56 0.92
C PRO C 306 41.46 -52.45 -0.09
N CYS C 307 40.17 -52.24 -0.32
CA CYS C 307 39.69 -51.23 -1.26
C CYS C 307 40.18 -49.82 -0.92
N GLU C 308 39.71 -48.85 -1.70
CA GLU C 308 40.08 -47.45 -1.50
C GLU C 308 38.96 -46.75 -0.74
N LEU C 309 39.33 -45.99 0.29
CA LEU C 309 38.36 -45.26 1.09
C LEU C 309 37.58 -44.27 0.22
N ASP C 310 36.27 -44.21 0.44
CA ASP C 310 35.42 -43.30 -0.32
C ASP C 310 35.47 -41.92 0.32
N THR C 311 36.00 -40.96 -0.43
CA THR C 311 36.14 -39.58 0.03
C THR C 311 34.82 -38.81 0.09
N ARG C 312 33.72 -39.47 -0.31
CA ARG C 312 32.40 -38.84 -0.32
C ARG C 312 31.82 -38.71 1.09
N GLU C 313 30.99 -37.70 1.27
CA GLU C 313 30.38 -37.43 2.57
C GLU C 313 29.18 -38.30 2.92
N TYR C 314 28.60 -38.96 1.93
CA TYR C 314 27.42 -39.78 2.20
C TYR C 314 27.64 -41.29 2.15
N VAL C 315 26.64 -42.01 2.64
CA VAL C 315 26.65 -43.46 2.66
C VAL C 315 25.22 -43.94 2.39
N ALA C 316 25.07 -44.63 1.26
CA ALA C 316 23.78 -45.14 0.82
C ALA C 316 22.90 -45.66 1.96
N GLY C 317 21.67 -45.14 2.02
CA GLY C 317 20.75 -45.59 3.05
C GLY C 317 20.79 -44.85 4.38
N ALA C 318 21.88 -44.15 4.65
CA ALA C 318 22.00 -43.42 5.91
C ALA C 318 21.37 -42.04 5.71
N PRO C 319 20.19 -41.81 6.30
CA PRO C 319 19.48 -40.54 6.19
C PRO C 319 20.05 -39.41 7.03
N TYR C 320 19.74 -38.18 6.63
CA TYR C 320 20.17 -36.99 7.35
C TYR C 320 19.20 -35.87 7.04
N THR C 321 19.17 -34.85 7.90
CA THR C 321 18.28 -33.72 7.69
C THR C 321 19.08 -32.56 7.09
N PRO C 322 18.77 -32.18 5.84
CA PRO C 322 19.48 -31.07 5.20
C PRO C 322 19.09 -29.77 5.89
N VAL C 323 20.06 -28.91 6.13
CA VAL C 323 19.81 -27.65 6.82
C VAL C 323 20.55 -26.47 6.20
N GLU C 324 20.05 -25.26 6.49
CA GLU C 324 20.69 -24.05 5.98
C GLU C 324 20.99 -23.10 7.14
N HIS C 325 22.08 -22.35 7.02
CA HIS C 325 22.46 -21.41 8.06
C HIS C 325 21.63 -20.14 7.90
N VAL C 326 21.09 -19.64 9.01
CA VAL C 326 20.28 -18.43 8.96
C VAL C 326 20.74 -17.38 9.94
N VAL C 327 20.85 -16.15 9.44
CA VAL C 327 21.28 -15.01 10.24
C VAL C 327 20.08 -14.23 10.71
N PHE C 328 20.13 -13.73 11.94
CA PHE C 328 19.04 -12.96 12.51
C PHE C 328 18.67 -11.79 11.60
N ASN C 329 17.37 -11.66 11.31
CA ASN C 329 16.87 -10.57 10.45
C ASN C 329 15.90 -9.74 11.29
N PRO C 330 16.28 -8.51 11.63
CA PRO C 330 15.42 -7.63 12.43
C PRO C 330 14.07 -7.34 11.79
N SER C 331 13.95 -7.55 10.48
CA SER C 331 12.70 -7.31 9.79
C SER C 331 11.77 -8.52 9.81
N SER C 332 12.29 -9.67 10.19
CA SER C 332 11.48 -10.88 10.24
C SER C 332 10.78 -11.04 11.58
N ARG C 333 9.46 -10.99 11.56
CA ARG C 333 8.64 -11.13 12.76
C ARG C 333 8.81 -12.55 13.31
N ASP C 334 9.14 -13.48 12.42
CA ASP C 334 9.33 -14.88 12.80
C ASP C 334 10.61 -15.00 13.63
N HIS C 335 11.68 -14.35 13.16
CA HIS C 335 12.95 -14.37 13.86
C HIS C 335 12.87 -13.70 15.23
N ILE C 336 12.20 -12.56 15.27
CA ILE C 336 12.04 -11.81 16.52
C ILE C 336 11.30 -12.68 17.52
N GLN C 337 10.20 -13.26 17.08
CA GLN C 337 9.39 -14.11 17.93
C GLN C 337 10.22 -15.30 18.42
N LYS C 338 11.00 -15.89 17.53
CA LYS C 338 11.83 -17.03 17.88
C LYS C 338 12.84 -16.67 18.97
N LYS C 339 13.55 -15.55 18.78
CA LYS C 339 14.56 -15.12 19.74
C LYS C 339 14.05 -14.65 21.10
N LEU C 340 12.89 -14.01 21.12
CA LEU C 340 12.34 -13.51 22.37
C LEU C 340 11.73 -14.58 23.28
N GLN C 341 11.06 -15.58 22.72
CA GLN C 341 10.48 -16.63 23.55
C GLN C 341 11.62 -17.40 24.21
N GLU C 342 12.71 -17.56 23.48
CA GLU C 342 13.88 -18.26 23.97
C GLU C 342 14.56 -17.41 25.04
N ALA C 343 13.95 -16.28 25.37
CA ALA C 343 14.49 -15.38 26.38
C ALA C 343 13.58 -15.33 27.61
N GLY C 344 12.39 -15.93 27.48
CA GLY C 344 11.47 -15.94 28.60
C GLY C 344 10.20 -15.15 28.37
N TRP C 345 9.91 -14.84 27.10
CA TRP C 345 8.71 -14.09 26.79
C TRP C 345 7.55 -15.05 26.55
N VAL C 346 6.43 -14.79 27.23
CA VAL C 346 5.26 -15.63 27.08
C VAL C 346 4.20 -14.94 26.23
N PRO C 347 4.07 -15.36 24.95
CA PRO C 347 3.09 -14.77 24.04
C PRO C 347 1.67 -14.77 24.61
N THR C 348 1.08 -13.58 24.69
CA THR C 348 -0.28 -13.43 25.23
C THR C 348 -1.34 -13.41 24.14
N LYS C 349 -1.01 -12.80 23.00
CA LYS C 349 -1.94 -12.71 21.88
C LYS C 349 -1.36 -13.29 20.60
N TYR C 350 -2.14 -14.15 19.95
CA TYR C 350 -1.71 -14.77 18.70
C TYR C 350 -2.62 -14.31 17.57
N THR C 351 -2.30 -14.70 16.35
CA THR C 351 -3.09 -14.31 15.19
C THR C 351 -4.10 -15.40 14.85
N ASP C 352 -4.93 -15.15 13.86
CA ASP C 352 -5.93 -16.12 13.42
C ASP C 352 -5.24 -17.29 12.72
N LYS C 353 -4.27 -16.97 11.87
CA LYS C 353 -3.53 -18.00 11.15
C LYS C 353 -2.61 -18.75 12.11
N GLY C 354 -2.85 -18.58 13.40
CA GLY C 354 -2.04 -19.24 14.40
C GLY C 354 -0.58 -18.82 14.31
N ALA C 355 -0.20 -17.87 15.15
CA ALA C 355 1.17 -17.35 15.17
C ALA C 355 1.28 -16.19 16.16
N PRO C 356 2.41 -16.10 16.87
CA PRO C 356 2.63 -15.02 17.84
C PRO C 356 2.50 -13.63 17.23
N VAL C 357 1.75 -12.76 17.89
CA VAL C 357 1.56 -11.40 17.42
C VAL C 357 2.74 -10.57 17.89
N VAL C 358 3.48 -9.99 16.95
CA VAL C 358 4.65 -9.20 17.29
C VAL C 358 4.70 -7.78 16.71
N ASP C 359 3.60 -7.04 16.81
CA ASP C 359 3.60 -5.68 16.31
C ASP C 359 4.32 -4.82 17.35
N ASP C 360 4.47 -3.54 17.05
CA ASP C 360 5.16 -2.63 17.98
C ASP C 360 4.49 -2.58 19.35
N GLU C 361 3.17 -2.74 19.38
CA GLU C 361 2.43 -2.71 20.64
C GLU C 361 2.96 -3.76 21.62
N VAL C 362 2.93 -5.01 21.20
CA VAL C 362 3.41 -6.11 22.03
C VAL C 362 4.88 -5.98 22.40
N LEU C 363 5.71 -5.61 21.43
CA LEU C 363 7.13 -5.46 21.68
C LEU C 363 7.40 -4.48 22.81
N GLU C 364 6.46 -3.58 23.05
CA GLU C 364 6.61 -2.59 24.11
C GLU C 364 6.27 -3.18 25.48
N GLY C 365 5.38 -4.17 25.50
CA GLY C 365 4.99 -4.79 26.75
C GLY C 365 5.85 -5.98 27.11
N VAL C 366 6.65 -6.46 26.16
CA VAL C 366 7.52 -7.59 26.38
C VAL C 366 8.59 -7.32 27.44
N ARG C 367 8.76 -8.28 28.35
CA ARG C 367 9.76 -8.17 29.41
C ARG C 367 10.53 -9.49 29.51
N VAL C 368 11.86 -9.40 29.51
CA VAL C 368 12.72 -10.57 29.62
C VAL C 368 13.77 -10.32 30.68
N ASP C 369 14.26 -11.37 31.32
CA ASP C 369 15.25 -11.22 32.38
C ASP C 369 16.58 -10.65 31.88
N ASP C 370 17.13 -11.25 30.82
CA ASP C 370 18.39 -10.76 30.28
C ASP C 370 18.24 -9.28 29.96
N PRO C 371 19.04 -8.42 30.63
CA PRO C 371 18.98 -6.97 30.40
C PRO C 371 19.36 -6.53 28.98
N GLU C 372 20.36 -7.17 28.40
CA GLU C 372 20.78 -6.82 27.05
C GLU C 372 19.71 -7.15 26.00
N LYS C 373 19.04 -8.29 26.16
CA LYS C 373 18.01 -8.70 25.22
C LYS C 373 16.78 -7.81 25.40
N GLN C 374 16.59 -7.32 26.62
CA GLN C 374 15.47 -6.45 26.92
C GLN C 374 15.68 -5.10 26.23
N ALA C 375 16.93 -4.64 26.21
CA ALA C 375 17.27 -3.37 25.58
C ALA C 375 17.30 -3.51 24.05
N ALA C 376 17.60 -4.71 23.57
CA ALA C 376 17.67 -4.97 22.14
C ALA C 376 16.30 -4.81 21.49
N ILE C 377 15.24 -4.96 22.29
CA ILE C 377 13.90 -4.84 21.77
C ILE C 377 13.67 -3.44 21.20
N ASP C 378 14.20 -2.43 21.88
CA ASP C 378 14.06 -1.06 21.40
C ASP C 378 14.84 -0.87 20.11
N LEU C 379 15.94 -1.60 19.98
CA LEU C 379 16.76 -1.50 18.78
C LEU C 379 15.99 -2.14 17.62
N ILE C 380 15.24 -3.19 17.94
CA ILE C 380 14.44 -3.87 16.93
C ILE C 380 13.30 -2.95 16.52
N LYS C 381 12.66 -2.32 17.49
CA LYS C 381 11.59 -1.39 17.19
C LYS C 381 12.11 -0.28 16.28
N GLU C 382 13.27 0.28 16.62
CA GLU C 382 13.85 1.34 15.81
C GLU C 382 14.24 0.84 14.41
N TYR C 383 14.69 -0.40 14.33
CA TYR C 383 15.07 -0.95 13.05
C TYR C 383 13.86 -1.09 12.13
N LEU C 384 12.74 -1.53 12.68
CA LEU C 384 11.51 -1.69 11.89
C LEU C 384 10.97 -0.37 11.36
N MET C 385 11.06 0.67 12.19
CA MET C 385 10.59 2.00 11.83
C MET C 385 11.49 2.59 10.73
N ILE C 386 12.80 2.45 10.92
CA ILE C 386 13.76 2.93 9.95
C ILE C 386 13.60 2.20 8.62
N GLN C 387 13.28 0.91 8.70
CA GLN C 387 13.10 0.10 7.50
C GLN C 387 11.88 0.66 6.76
N LYS C 388 10.88 1.07 7.54
CA LYS C 388 9.64 1.63 7.01
C LYS C 388 9.93 2.92 6.22
N ARG C 389 10.75 3.80 6.81
CA ARG C 389 11.10 5.08 6.18
C ARG C 389 11.92 4.92 4.92
N ILE C 390 12.79 3.91 4.91
CA ILE C 390 13.65 3.64 3.75
C ILE C 390 12.85 3.06 2.58
N GLY C 391 11.94 2.15 2.89
CA GLY C 391 11.13 1.56 1.83
C GLY C 391 10.27 2.63 1.16
N GLN C 392 9.68 3.49 1.97
CA GLN C 392 8.82 4.56 1.47
C GLN C 392 9.56 5.64 0.68
N SER C 393 10.74 6.02 1.13
CA SER C 393 11.48 7.09 0.45
C SER C 393 12.49 6.67 -0.61
N ALA C 394 13.05 5.47 -0.51
CA ALA C 394 14.07 5.10 -1.48
C ALA C 394 14.11 3.71 -2.09
N GLU C 395 13.84 2.67 -1.30
CA GLU C 395 13.93 1.30 -1.80
C GLU C 395 12.64 0.59 -2.24
N GLY C 396 11.51 1.00 -1.70
CA GLY C 396 10.27 0.35 -2.08
C GLY C 396 10.03 0.48 -3.57
N ASP C 397 9.14 -0.34 -4.12
CA ASP C 397 8.80 -0.30 -5.54
C ASP C 397 8.14 1.05 -5.88
N LYS C 398 7.49 1.63 -4.89
CA LYS C 398 6.79 2.90 -5.04
C LYS C 398 7.53 4.02 -4.30
N ALA C 399 8.83 3.86 -4.09
CA ALA C 399 9.63 4.83 -3.37
C ALA C 399 9.58 6.23 -3.98
N TRP C 400 9.70 7.26 -3.16
CA TRP C 400 9.68 8.63 -3.68
C TRP C 400 10.80 8.87 -4.69
N LEU C 401 12.01 8.40 -4.37
CA LEU C 401 13.15 8.59 -5.26
C LEU C 401 12.99 7.85 -6.59
N ARG C 402 12.04 6.93 -6.66
CA ARG C 402 11.81 6.19 -7.91
C ARG C 402 10.75 6.91 -8.73
N TYR C 403 9.98 7.78 -8.08
CA TYR C 403 8.92 8.51 -8.77
C TYR C 403 9.24 9.95 -9.17
N VAL C 404 10.31 10.54 -8.64
CA VAL C 404 10.62 11.93 -9.03
C VAL C 404 10.80 11.99 -10.54
N ALA C 405 10.01 12.85 -11.20
CA ALA C 405 10.12 12.99 -12.64
C ALA C 405 11.24 13.94 -13.01
N GLU C 406 11.40 14.17 -14.31
CA GLU C 406 12.44 15.06 -14.84
C GLU C 406 12.26 16.53 -14.41
N ASP C 407 11.01 16.94 -14.19
CA ASP C 407 10.75 18.32 -13.78
C ASP C 407 10.96 18.54 -12.28
N GLY C 408 11.57 17.57 -11.60
CA GLY C 408 11.84 17.70 -10.17
C GLY C 408 10.61 17.62 -9.27
N LYS C 409 9.54 17.01 -9.78
CA LYS C 409 8.32 16.89 -9.00
C LYS C 409 7.82 15.46 -9.01
N ILE C 410 7.01 15.11 -8.01
CA ILE C 410 6.41 13.79 -7.94
C ILE C 410 4.95 13.97 -8.35
N HIS C 411 4.53 13.19 -9.33
CA HIS C 411 3.17 13.28 -9.85
C HIS C 411 2.35 12.08 -9.37
N GLY C 412 1.97 12.11 -8.09
CA GLY C 412 1.18 11.04 -7.52
C GLY C 412 -0.21 10.97 -8.13
N SER C 413 -0.76 9.77 -8.24
CA SER C 413 -2.08 9.60 -8.82
C SER C 413 -3.19 9.77 -7.78
N VAL C 414 -4.35 10.22 -8.24
CA VAL C 414 -5.47 10.41 -7.34
C VAL C 414 -6.74 9.86 -7.95
N ASN C 415 -7.44 9.01 -7.22
CA ASN C 415 -8.74 8.50 -7.70
C ASN C 415 -9.68 9.40 -6.92
N PRO C 416 -10.26 10.42 -7.57
CA PRO C 416 -11.18 11.40 -6.98
C PRO C 416 -12.36 10.85 -6.19
N ASN C 417 -12.83 9.66 -6.56
CA ASN C 417 -13.97 9.08 -5.87
C ASN C 417 -13.67 7.62 -5.57
N GLY C 418 -12.50 7.39 -4.95
CA GLY C 418 -12.08 6.04 -4.63
C GLY C 418 -12.77 5.37 -3.46
N ALA C 419 -13.52 6.15 -2.68
CA ALA C 419 -14.24 5.60 -1.53
C ALA C 419 -15.72 5.84 -1.77
N VAL C 420 -16.56 4.91 -1.32
CA VAL C 420 -17.99 5.03 -1.54
C VAL C 420 -18.62 6.29 -0.93
N THR C 421 -17.98 6.85 0.08
CA THR C 421 -18.46 8.07 0.73
C THR C 421 -18.21 9.32 -0.11
N GLY C 422 -17.36 9.20 -1.12
CA GLY C 422 -17.05 10.35 -1.94
C GLY C 422 -15.65 10.84 -1.65
N ARG C 423 -14.98 10.12 -0.74
CA ARG C 423 -13.61 10.43 -0.36
C ARG C 423 -12.69 9.97 -1.50
N ALA C 424 -11.57 10.65 -1.70
CA ALA C 424 -10.64 10.28 -2.75
C ALA C 424 -9.59 9.33 -2.19
N THR C 425 -8.86 8.64 -3.08
CA THR C 425 -7.78 7.75 -2.66
C THR C 425 -6.52 8.22 -3.40
N HIS C 426 -5.35 7.89 -2.86
CA HIS C 426 -4.07 8.32 -3.46
C HIS C 426 -3.13 7.14 -3.64
N ALA C 427 -2.37 7.16 -4.74
CA ALA C 427 -1.42 6.07 -5.02
C ALA C 427 -0.39 6.46 -6.08
N PHE C 428 0.68 5.69 -6.14
CA PHE C 428 1.74 5.86 -7.13
C PHE C 428 2.54 7.17 -7.16
N PRO C 429 3.10 7.59 -6.01
CA PRO C 429 3.03 6.95 -4.70
C PRO C 429 1.85 7.54 -3.96
N ASN C 430 1.52 6.98 -2.79
CA ASN C 430 0.42 7.48 -1.99
C ASN C 430 0.85 8.73 -1.20
N LEU C 431 0.56 9.91 -1.73
CA LEU C 431 0.94 11.17 -1.11
C LEU C 431 0.10 11.56 0.10
N ALA C 432 -0.78 10.68 0.53
CA ALA C 432 -1.63 10.93 1.68
C ALA C 432 -1.13 10.12 2.87
N GLN C 433 0.03 9.48 2.71
CA GLN C 433 0.62 8.67 3.79
C GLN C 433 2.06 9.07 4.12
N ILE C 434 2.45 10.28 3.73
CA ILE C 434 3.80 10.76 4.03
C ILE C 434 3.91 10.96 5.55
N PRO C 435 5.03 10.51 6.15
CA PRO C 435 5.21 10.65 7.59
C PRO C 435 4.94 12.06 8.12
N GLY C 436 4.14 12.16 9.19
CA GLY C 436 3.83 13.45 9.77
C GLY C 436 5.02 14.05 10.52
N VAL C 437 5.00 15.36 10.74
CA VAL C 437 6.11 16.01 11.45
C VAL C 437 6.30 15.44 12.85
N ARG C 438 5.23 14.88 13.43
CA ARG C 438 5.30 14.31 14.77
C ARG C 438 5.93 12.92 14.81
N SER C 439 6.17 12.34 13.64
CA SER C 439 6.78 11.01 13.57
C SER C 439 8.28 11.11 13.36
N PRO C 440 9.01 10.05 13.73
CA PRO C 440 10.47 10.06 13.56
C PRO C 440 10.80 10.30 12.10
N TYR C 441 11.63 11.31 11.85
CA TYR C 441 12.06 11.67 10.50
C TYR C 441 10.95 12.36 9.71
N GLY C 442 9.79 12.54 10.33
CA GLY C 442 8.68 13.19 9.67
C GLY C 442 8.98 14.59 9.18
N GLU C 443 9.70 15.37 9.98
CA GLU C 443 10.03 16.74 9.62
C GLU C 443 10.85 16.81 8.32
N GLN C 444 11.81 15.91 8.17
CA GLN C 444 12.63 15.87 6.98
C GLN C 444 11.83 15.38 5.77
N CYS C 445 10.94 14.42 6.02
CA CYS C 445 10.12 13.88 4.95
C CYS C 445 9.19 14.96 4.40
N ARG C 446 8.47 15.63 5.30
CA ARG C 446 7.52 16.66 4.91
C ARG C 446 8.17 17.90 4.30
N ALA C 447 9.33 18.29 4.80
CA ALA C 447 10.01 19.46 4.27
C ALA C 447 10.50 19.22 2.85
N ALA C 448 10.61 17.95 2.47
CA ALA C 448 11.08 17.59 1.13
C ALA C 448 10.01 17.84 0.06
N PHE C 449 8.74 17.92 0.48
CA PHE C 449 7.65 18.21 -0.44
C PHE C 449 7.26 19.67 -0.20
N GLY C 450 7.64 20.57 -1.09
CA GLY C 450 7.30 21.96 -0.86
C GLY C 450 7.42 22.83 -2.10
N ALA C 451 6.62 23.88 -2.14
CA ALA C 451 6.62 24.81 -3.26
C ALA C 451 8.00 25.47 -3.41
N GLU C 452 8.77 25.48 -2.33
CA GLU C 452 10.10 26.10 -2.37
C GLU C 452 11.05 25.34 -3.29
N HIS C 453 10.78 24.06 -3.52
CA HIS C 453 11.63 23.23 -4.36
C HIS C 453 11.38 23.42 -5.85
N HIS C 454 10.45 24.32 -6.18
CA HIS C 454 10.17 24.65 -7.57
C HIS C 454 10.66 26.08 -7.76
N LEU C 455 11.59 26.30 -8.67
CA LEU C 455 12.11 27.64 -8.94
C LEU C 455 11.33 28.20 -10.12
N ASP C 456 10.80 29.42 -9.98
CA ASP C 456 10.01 30.03 -11.04
C ASP C 456 10.68 29.96 -12.40
N GLY C 457 9.92 29.52 -13.40
CA GLY C 457 10.46 29.40 -14.73
C GLY C 457 11.07 30.67 -15.30
N ILE C 458 10.62 31.82 -14.82
CA ILE C 458 11.14 33.09 -15.32
C ILE C 458 12.20 33.75 -14.45
N THR C 459 11.92 33.88 -13.16
CA THR C 459 12.84 34.54 -12.25
C THR C 459 13.78 33.65 -11.46
N GLY C 460 13.54 32.34 -11.47
CA GLY C 460 14.38 31.44 -10.71
C GLY C 460 14.12 31.49 -9.20
N LYS C 461 13.15 32.30 -8.78
CA LYS C 461 12.83 32.42 -7.37
C LYS C 461 11.93 31.28 -6.89
N PRO C 462 12.19 30.78 -5.68
CA PRO C 462 11.40 29.68 -5.11
C PRO C 462 9.94 30.09 -4.94
N TRP C 463 9.01 29.18 -5.17
CA TRP C 463 7.60 29.50 -4.98
C TRP C 463 7.29 29.33 -3.49
N VAL C 464 6.14 29.86 -3.07
CA VAL C 464 5.74 29.77 -1.68
C VAL C 464 4.53 28.85 -1.55
N GLN C 465 4.33 28.28 -0.36
CA GLN C 465 3.24 27.35 -0.15
C GLN C 465 2.11 27.84 0.76
N ALA C 466 0.88 27.51 0.37
CA ALA C 466 -0.28 27.87 1.17
C ALA C 466 -0.97 26.57 1.53
N GLY C 467 -1.00 26.25 2.83
CA GLY C 467 -1.65 25.05 3.29
C GLY C 467 -2.97 25.45 3.93
N ILE C 468 -4.08 24.91 3.45
CA ILE C 468 -5.38 25.25 4.02
C ILE C 468 -6.11 24.00 4.46
N ASP C 469 -6.72 24.07 5.65
CA ASP C 469 -7.44 22.95 6.22
C ASP C 469 -8.86 23.37 6.62
N ALA C 470 -9.83 22.48 6.43
CA ALA C 470 -11.19 22.77 6.83
C ALA C 470 -11.15 22.56 8.35
N SER C 471 -11.77 23.45 9.11
CA SER C 471 -11.75 23.36 10.57
C SER C 471 -12.83 22.48 11.20
N GLY C 472 -12.39 21.42 11.87
CA GLY C 472 -13.30 20.50 12.55
C GLY C 472 -14.51 20.13 11.73
N LEU C 473 -14.29 19.90 10.44
CA LEU C 473 -15.36 19.58 9.51
C LEU C 473 -16.32 18.47 9.94
N GLU C 474 -15.78 17.32 10.33
CA GLU C 474 -16.61 16.21 10.74
C GLU C 474 -17.57 16.55 11.87
N LEU C 475 -17.07 17.22 12.90
CA LEU C 475 -17.90 17.62 14.03
C LEU C 475 -19.00 18.59 13.58
N ARG C 476 -18.62 19.51 12.69
CA ARG C 476 -19.60 20.48 12.19
C ARG C 476 -20.66 19.78 11.36
N CYS C 477 -20.28 18.74 10.63
CA CYS C 477 -21.27 18.00 9.85
C CYS C 477 -22.26 17.34 10.82
N LEU C 478 -21.75 16.85 11.95
CA LEU C 478 -22.61 16.23 12.95
C LEU C 478 -23.59 17.30 13.47
N ALA C 479 -23.06 18.48 13.78
CA ALA C 479 -23.87 19.57 14.28
C ALA C 479 -24.99 19.89 13.28
N HIS C 480 -24.61 19.95 12.01
CA HIS C 480 -25.57 20.24 10.95
C HIS C 480 -26.75 19.26 10.98
N PHE C 481 -26.45 17.97 10.94
CA PHE C 481 -27.50 16.96 10.94
C PHE C 481 -28.30 16.91 12.25
N MET C 482 -27.71 17.37 13.35
CA MET C 482 -28.40 17.39 14.63
C MET C 482 -29.44 18.51 14.73
N ALA C 483 -29.18 19.61 14.00
CA ALA C 483 -30.05 20.79 13.99
C ALA C 483 -31.54 20.52 13.76
N ARG C 484 -31.86 19.47 13.03
CA ARG C 484 -33.26 19.16 12.81
C ARG C 484 -33.89 18.80 14.16
N PHE C 485 -33.03 18.34 15.09
CA PHE C 485 -33.47 17.91 16.41
C PHE C 485 -33.19 18.88 17.55
N ASP C 486 -32.03 19.55 17.52
CA ASP C 486 -31.69 20.47 18.60
C ASP C 486 -31.78 21.94 18.20
N ASN C 487 -32.24 22.18 16.97
CA ASN C 487 -32.39 23.55 16.47
C ASN C 487 -31.11 24.37 16.40
N GLY C 488 -29.98 23.72 16.18
CA GLY C 488 -28.71 24.41 16.07
C GLY C 488 -27.91 24.57 17.36
N GLU C 489 -28.36 23.98 18.46
CA GLU C 489 -27.66 24.11 19.74
C GLU C 489 -26.22 23.57 19.68
N TYR C 490 -26.06 22.35 19.19
CA TYR C 490 -24.73 21.77 19.10
C TYR C 490 -23.83 22.63 18.21
N ALA C 491 -24.36 23.10 17.09
CA ALA C 491 -23.59 23.95 16.17
C ALA C 491 -23.19 25.26 16.84
N HIS C 492 -24.09 25.81 17.65
CA HIS C 492 -23.81 27.07 18.33
C HIS C 492 -22.67 26.89 19.33
N GLU C 493 -22.69 25.77 20.05
CA GLU C 493 -21.66 25.49 21.04
C GLU C 493 -20.27 25.34 20.41
N ILE C 494 -20.21 24.77 19.21
CA ILE C 494 -18.94 24.59 18.52
C ILE C 494 -18.31 25.93 18.18
N LEU C 495 -19.11 26.80 17.55
CA LEU C 495 -18.65 28.11 17.13
C LEU C 495 -18.47 29.16 18.22
N ASN C 496 -19.25 29.08 19.29
CA ASN C 496 -19.15 30.08 20.34
C ASN C 496 -18.94 29.53 21.75
N GLY C 497 -18.64 28.24 21.87
CA GLY C 497 -18.45 27.66 23.19
C GLY C 497 -17.30 26.68 23.31
N ASP C 498 -17.57 25.60 24.05
CA ASP C 498 -16.58 24.56 24.29
C ASP C 498 -17.27 23.21 24.09
N ILE C 499 -17.31 22.75 22.84
CA ILE C 499 -17.98 21.50 22.52
C ILE C 499 -17.33 20.29 23.21
N HIS C 500 -16.02 20.35 23.40
CA HIS C 500 -15.31 19.24 24.02
C HIS C 500 -15.64 19.05 25.51
N THR C 501 -15.63 20.12 26.29
CA THR C 501 -15.96 19.97 27.71
C THR C 501 -17.44 19.61 27.78
N LYS C 502 -18.20 20.10 26.81
CA LYS C 502 -19.63 19.80 26.75
C LYS C 502 -19.79 18.30 26.52
N ASN C 503 -18.94 17.74 25.67
CA ASN C 503 -19.01 16.31 25.39
C ASN C 503 -18.42 15.51 26.55
N GLN C 504 -17.54 16.14 27.31
CA GLN C 504 -16.92 15.49 28.45
C GLN C 504 -17.97 15.29 29.53
N ILE C 505 -18.67 16.36 29.88
CA ILE C 505 -19.71 16.28 30.89
C ILE C 505 -20.64 15.14 30.51
N ALA C 506 -20.97 15.05 29.22
CA ALA C 506 -21.82 13.97 28.75
C ALA C 506 -20.85 12.79 28.65
N ALA C 507 -21.35 11.58 28.86
CA ALA C 507 -20.48 10.40 28.81
C ALA C 507 -19.49 10.43 29.98
N GLU C 508 -19.58 11.46 30.81
CA GLU C 508 -18.72 11.63 31.99
C GLU C 508 -17.30 11.14 31.81
N LEU C 509 -16.41 12.02 31.39
CA LEU C 509 -15.01 11.66 31.20
C LEU C 509 -14.07 12.46 32.09
N PRO C 510 -12.88 11.90 32.38
CA PRO C 510 -11.86 12.52 33.23
C PRO C 510 -11.21 13.77 32.64
N THR C 511 -10.50 13.59 31.53
CA THR C 511 -9.82 14.70 30.88
C THR C 511 -10.62 15.18 29.68
N ARG C 512 -10.62 16.49 29.43
CA ARG C 512 -11.35 17.02 28.29
C ARG C 512 -10.68 16.56 27.01
N ASP C 513 -9.39 16.22 27.10
CA ASP C 513 -8.66 15.73 25.94
C ASP C 513 -9.19 14.34 25.59
N ASN C 514 -9.71 13.66 26.60
CA ASN C 514 -10.27 12.34 26.39
C ASN C 514 -11.62 12.48 25.70
N ALA C 515 -12.24 13.65 25.89
CA ALA C 515 -13.52 13.91 25.25
C ALA C 515 -13.22 13.96 23.75
N LYS C 516 -12.20 14.74 23.40
CA LYS C 516 -11.78 14.88 22.00
C LYS C 516 -11.48 13.49 21.44
N THR C 517 -10.62 12.75 22.13
CA THR C 517 -10.27 11.40 21.71
C THR C 517 -11.54 10.61 21.45
N PHE C 518 -12.49 10.75 22.37
CA PHE C 518 -13.77 10.07 22.30
C PHE C 518 -14.64 10.47 21.11
N ILE C 519 -14.78 11.77 20.90
CA ILE C 519 -15.62 12.28 19.82
C ILE C 519 -15.03 11.99 18.44
N TYR C 520 -13.75 12.26 18.25
CA TYR C 520 -13.12 12.02 16.96
C TYR C 520 -13.12 10.55 16.62
N GLY C 521 -13.26 9.72 17.64
CA GLY C 521 -13.31 8.29 17.40
C GLY C 521 -14.75 7.91 17.17
N PHE C 522 -15.64 8.72 17.73
CA PHE C 522 -17.08 8.51 17.61
C PHE C 522 -17.55 8.78 16.19
N LEU C 523 -17.00 9.83 15.59
CA LEU C 523 -17.35 10.22 14.23
C LEU C 523 -16.90 9.17 13.23
N TYR C 524 -15.75 8.56 13.51
CA TYR C 524 -15.20 7.52 12.64
C TYR C 524 -15.53 6.15 13.24
N GLY C 525 -16.83 5.86 13.35
CA GLY C 525 -17.32 4.61 13.91
C GLY C 525 -16.28 3.63 14.39
N ALA C 526 -15.58 3.97 15.47
CA ALA C 526 -14.56 3.09 16.03
C ALA C 526 -15.20 2.10 17.01
N GLY C 527 -14.70 0.88 17.03
CA GLY C 527 -15.24 -0.14 17.91
C GLY C 527 -15.22 0.27 19.38
N ASP C 528 -16.02 -0.42 20.19
CA ASP C 528 -16.08 -0.13 21.61
C ASP C 528 -14.69 -0.30 22.24
N GLU C 529 -13.92 -1.22 21.68
CA GLU C 529 -12.57 -1.48 22.18
C GLU C 529 -11.72 -0.21 22.13
N LYS C 530 -11.61 0.37 20.95
CA LYS C 530 -10.83 1.60 20.77
C LYS C 530 -11.25 2.66 21.78
N ILE C 531 -12.53 2.62 22.17
CA ILE C 531 -13.08 3.56 23.13
C ILE C 531 -12.51 3.30 24.51
N GLY C 532 -12.44 2.03 24.90
CA GLY C 532 -11.92 1.68 26.20
C GLY C 532 -10.46 2.08 26.37
N GLN C 533 -9.64 1.81 25.37
CA GLN C 533 -8.21 2.14 25.40
C GLN C 533 -7.93 3.62 25.61
N ILE C 534 -8.96 4.45 25.47
CA ILE C 534 -8.81 5.89 25.64
C ILE C 534 -8.81 6.23 27.13
N VAL C 535 -9.41 5.35 27.92
CA VAL C 535 -9.49 5.53 29.36
C VAL C 535 -8.59 4.50 30.06
N GLY C 536 -8.49 3.33 29.46
CA GLY C 536 -7.67 2.28 30.03
C GLY C 536 -8.53 1.13 30.53
N ALA C 537 -9.59 0.83 29.78
CA ALA C 537 -10.50 -0.25 30.13
C ALA C 537 -10.93 -0.99 28.87
N GLY C 538 -10.12 -0.87 27.82
CA GLY C 538 -10.36 -1.51 26.53
C GLY C 538 -11.55 -2.46 26.36
N LYS C 539 -12.39 -2.15 25.38
CA LYS C 539 -13.56 -2.95 25.04
C LYS C 539 -14.53 -3.22 26.19
N GLU C 540 -14.19 -2.77 27.40
CA GLU C 540 -15.04 -2.97 28.57
C GLU C 540 -15.97 -1.77 28.73
N ARG C 541 -15.39 -0.63 29.10
CA ARG C 541 -16.19 0.59 29.28
C ARG C 541 -16.52 1.17 27.91
N GLY C 542 -15.98 0.55 26.87
CA GLY C 542 -16.23 1.00 25.50
C GLY C 542 -17.71 1.00 25.16
N LYS C 543 -18.47 0.11 25.78
CA LYS C 543 -19.90 0.03 25.54
C LYS C 543 -20.63 1.02 26.44
N GLU C 544 -20.11 1.20 27.64
CA GLU C 544 -20.71 2.11 28.63
C GLU C 544 -20.56 3.57 28.21
N LEU C 545 -19.35 3.95 27.80
CA LEU C 545 -19.07 5.33 27.39
C LEU C 545 -20.05 5.81 26.31
N LYS C 546 -20.02 5.15 25.15
CA LYS C 546 -20.91 5.53 24.06
C LYS C 546 -22.32 5.73 24.58
N LYS C 547 -22.84 4.72 25.26
CA LYS C 547 -24.20 4.77 25.81
C LYS C 547 -24.50 6.00 26.68
N LYS C 548 -23.60 6.31 27.61
CA LYS C 548 -23.78 7.46 28.51
C LYS C 548 -23.72 8.79 27.77
N PHE C 549 -22.96 8.81 26.67
CA PHE C 549 -22.82 10.01 25.85
C PHE C 549 -24.15 10.32 25.16
N LEU C 550 -24.69 9.31 24.48
CA LEU C 550 -25.97 9.44 23.78
C LEU C 550 -27.07 9.86 24.74
N GLU C 551 -27.10 9.23 25.91
CA GLU C 551 -28.11 9.53 26.91
C GLU C 551 -28.15 11.03 27.24
N ASN C 552 -26.97 11.63 27.37
CA ASN C 552 -26.86 13.05 27.69
C ASN C 552 -26.77 13.96 26.46
N THR C 553 -27.02 13.40 25.29
CA THR C 553 -26.99 14.17 24.04
C THR C 553 -28.09 13.56 23.18
N PRO C 554 -29.35 13.74 23.59
CA PRO C 554 -30.51 13.20 22.88
C PRO C 554 -30.60 13.54 21.39
N ALA C 555 -30.11 14.69 20.98
CA ALA C 555 -30.17 15.06 19.56
C ALA C 555 -29.41 14.03 18.70
N ILE C 556 -28.31 13.51 19.21
CA ILE C 556 -27.54 12.51 18.47
C ILE C 556 -28.29 11.19 18.38
N ALA C 557 -28.92 10.79 19.48
CA ALA C 557 -29.68 9.53 19.49
C ALA C 557 -30.86 9.67 18.54
N ALA C 558 -31.45 10.86 18.50
CA ALA C 558 -32.57 11.11 17.60
C ALA C 558 -32.08 10.93 16.17
N LEU C 559 -30.92 11.50 15.87
CA LEU C 559 -30.33 11.41 14.52
C LEU C 559 -30.09 9.96 14.11
N ARG C 560 -29.40 9.21 14.97
CA ARG C 560 -29.12 7.81 14.69
C ARG C 560 -30.41 7.08 14.36
N GLU C 561 -31.46 7.39 15.13
CA GLU C 561 -32.75 6.75 14.93
C GLU C 561 -33.43 7.11 13.61
N SER C 562 -33.44 8.40 13.25
CA SER C 562 -34.07 8.77 11.98
C SER C 562 -33.25 8.19 10.82
N ILE C 563 -31.94 8.07 11.02
CA ILE C 563 -31.07 7.53 9.99
C ILE C 563 -31.40 6.05 9.72
N GLN C 564 -31.51 5.27 10.78
CA GLN C 564 -31.82 3.85 10.64
C GLN C 564 -33.25 3.58 10.15
N GLN C 565 -34.19 4.48 10.44
CA GLN C 565 -35.56 4.29 9.99
C GLN C 565 -35.58 4.38 8.47
N THR C 566 -34.68 5.17 7.93
CA THR C 566 -34.58 5.36 6.49
C THR C 566 -34.06 4.09 5.82
N LEU C 567 -33.20 3.36 6.51
CA LEU C 567 -32.60 2.16 5.94
C LEU C 567 -33.27 0.84 6.34
N VAL C 568 -33.46 0.64 7.64
CA VAL C 568 -34.04 -0.60 8.16
C VAL C 568 -35.55 -0.58 8.36
N GLU C 569 -36.23 -1.57 7.78
CA GLU C 569 -37.68 -1.67 7.89
C GLU C 569 -38.03 -2.81 8.83
N LYS C 581 -35.05 -6.88 5.80
CA LYS C 581 -34.11 -6.22 6.75
C LYS C 581 -33.78 -4.80 6.27
N TRP C 582 -33.80 -4.58 4.96
CA TRP C 582 -33.50 -3.25 4.39
C TRP C 582 -34.62 -2.73 3.51
N LYS C 583 -34.94 -1.45 3.67
CA LYS C 583 -35.95 -0.82 2.84
C LYS C 583 -35.17 -0.01 1.81
N ARG C 584 -33.91 0.26 2.13
CA ARG C 584 -33.00 1.03 1.27
C ARG C 584 -31.56 0.80 1.78
N ARG C 585 -30.65 0.41 0.88
CA ARG C 585 -29.26 0.15 1.30
C ARG C 585 -28.28 1.31 1.14
N TRP C 586 -28.80 2.52 1.06
CA TRP C 586 -27.94 3.69 0.89
C TRP C 586 -28.52 4.95 1.51
N ILE C 587 -27.67 5.93 1.75
CA ILE C 587 -28.11 7.22 2.29
C ILE C 587 -27.89 8.22 1.16
N LYS C 588 -28.62 9.33 1.21
CA LYS C 588 -28.51 10.36 0.19
C LYS C 588 -27.42 11.35 0.57
N GLY C 589 -26.39 11.43 -0.26
CA GLY C 589 -25.29 12.36 -0.01
C GLY C 589 -25.74 13.79 -0.21
N LEU C 590 -24.88 14.75 0.15
CA LEU C 590 -25.23 16.16 0.02
C LEU C 590 -25.55 16.60 -1.40
N ASP C 591 -24.97 15.93 -2.40
CA ASP C 591 -25.24 16.32 -3.76
C ASP C 591 -26.26 15.38 -4.42
N GLY C 592 -26.96 14.60 -3.60
CA GLY C 592 -27.99 13.71 -4.11
C GLY C 592 -27.60 12.28 -4.43
N ARG C 593 -26.31 12.01 -4.53
CA ARG C 593 -25.85 10.67 -4.87
C ARG C 593 -26.18 9.62 -3.81
N LYS C 594 -26.24 8.37 -4.24
CA LYS C 594 -26.50 7.28 -3.31
C LYS C 594 -25.13 6.97 -2.71
N VAL C 595 -25.12 6.62 -1.43
CA VAL C 595 -23.89 6.24 -0.75
C VAL C 595 -24.16 4.92 -0.05
N HIS C 596 -23.64 3.83 -0.61
CA HIS C 596 -23.88 2.52 -0.02
C HIS C 596 -23.54 2.45 1.48
N VAL C 597 -24.39 1.76 2.22
CA VAL C 597 -24.17 1.58 3.66
C VAL C 597 -24.05 0.08 3.91
N ARG C 598 -22.97 -0.33 4.57
CA ARG C 598 -22.75 -1.75 4.84
C ARG C 598 -23.71 -2.28 5.91
N SER C 599 -23.73 -1.63 7.07
CA SER C 599 -24.62 -2.05 8.15
C SER C 599 -25.32 -0.85 8.80
N PRO C 600 -26.48 -1.07 9.42
CA PRO C 600 -27.23 0.01 10.08
C PRO C 600 -26.36 0.74 11.09
N HIS C 601 -25.50 -0.01 11.78
CA HIS C 601 -24.61 0.57 12.78
C HIS C 601 -23.64 1.59 12.18
N ALA C 602 -23.31 1.42 10.90
CA ALA C 602 -22.38 2.32 10.23
C ALA C 602 -23.09 3.53 9.59
N ALA C 603 -24.41 3.44 9.46
CA ALA C 603 -25.21 4.50 8.86
C ALA C 603 -24.75 5.92 9.22
N LEU C 604 -24.87 6.28 10.48
CA LEU C 604 -24.48 7.62 10.93
C LEU C 604 -23.09 7.99 10.46
N ASN C 605 -22.11 7.13 10.75
CA ASN C 605 -20.72 7.41 10.35
C ASN C 605 -20.60 7.63 8.84
N THR C 606 -21.26 6.79 8.06
CA THR C 606 -21.22 6.93 6.61
C THR C 606 -21.77 8.31 6.26
N LEU C 607 -22.88 8.69 6.89
CA LEU C 607 -23.51 9.99 6.67
C LEU C 607 -22.54 11.14 6.91
N LEU C 608 -21.89 11.12 8.07
CA LEU C 608 -20.95 12.18 8.43
C LEU C 608 -19.72 12.23 7.53
N GLN C 609 -19.08 11.09 7.32
CA GLN C 609 -17.90 11.01 6.47
C GLN C 609 -18.21 11.45 5.04
N SER C 610 -19.40 11.11 4.55
CA SER C 610 -19.78 11.47 3.19
C SER C 610 -20.00 12.97 3.10
N ALA C 611 -20.59 13.55 4.14
CA ALA C 611 -20.83 14.99 4.17
C ALA C 611 -19.47 15.70 4.13
N GLY C 612 -18.52 15.26 4.95
CA GLY C 612 -17.21 15.87 4.94
C GLY C 612 -16.52 15.76 3.58
N ALA C 613 -16.54 14.56 3.02
CA ALA C 613 -15.93 14.32 1.71
C ALA C 613 -16.52 15.23 0.62
N LEU C 614 -17.86 15.31 0.57
CA LEU C 614 -18.48 16.13 -0.47
C LEU C 614 -18.30 17.62 -0.24
N ILE C 615 -18.27 18.06 1.01
CA ILE C 615 -18.05 19.47 1.27
C ILE C 615 -16.63 19.84 0.84
N CYS C 616 -15.65 19.00 1.19
CA CYS C 616 -14.26 19.29 0.80
C CYS C 616 -14.07 19.23 -0.71
N LYS C 617 -14.80 18.34 -1.37
CA LYS C 617 -14.68 18.21 -2.81
C LYS C 617 -15.18 19.49 -3.48
N LEU C 618 -16.42 19.88 -3.16
CA LEU C 618 -16.98 21.10 -3.75
C LEU C 618 -16.14 22.31 -3.36
N TRP C 619 -15.59 22.29 -2.15
CA TRP C 619 -14.75 23.39 -1.66
C TRP C 619 -13.49 23.61 -2.51
N ILE C 620 -12.72 22.55 -2.75
CA ILE C 620 -11.51 22.73 -3.55
C ILE C 620 -11.86 23.15 -4.98
N ILE C 621 -13.01 22.69 -5.47
CA ILE C 621 -13.43 23.05 -6.81
C ILE C 621 -13.77 24.54 -6.88
N LYS C 622 -14.59 25.00 -5.92
CA LYS C 622 -14.98 26.40 -5.87
C LYS C 622 -13.78 27.30 -5.61
N THR C 623 -12.87 26.86 -4.75
CA THR C 623 -11.68 27.66 -4.45
C THR C 623 -10.93 27.96 -5.75
N GLU C 624 -10.67 26.93 -6.54
CA GLU C 624 -9.95 27.12 -7.80
C GLU C 624 -10.74 27.97 -8.78
N GLU C 625 -12.05 27.79 -8.85
CA GLU C 625 -12.86 28.58 -9.78
C GLU C 625 -12.85 30.07 -9.39
N MET C 626 -12.88 30.36 -8.09
CA MET C 626 -12.85 31.74 -7.62
C MET C 626 -11.47 32.37 -7.90
N LEU C 627 -10.40 31.60 -7.73
CA LEU C 627 -9.06 32.11 -8.00
C LEU C 627 -8.97 32.50 -9.46
N VAL C 628 -9.46 31.63 -10.34
CA VAL C 628 -9.44 31.90 -11.76
C VAL C 628 -10.30 33.13 -12.06
N GLU C 629 -11.43 33.25 -11.39
CA GLU C 629 -12.32 34.40 -11.59
C GLU C 629 -11.59 35.68 -11.24
N LYS C 630 -10.76 35.62 -10.20
CA LYS C 630 -10.00 36.78 -9.75
C LYS C 630 -8.88 37.16 -10.72
N GLY C 631 -8.70 36.35 -11.76
CA GLY C 631 -7.66 36.63 -12.74
C GLY C 631 -6.37 35.83 -12.61
N LEU C 632 -6.29 34.98 -11.60
CA LEU C 632 -5.10 34.16 -11.37
C LEU C 632 -5.06 32.94 -12.29
N LYS C 633 -3.88 32.65 -12.82
CA LYS C 633 -3.71 31.52 -13.74
C LYS C 633 -3.19 30.26 -13.06
N HIS C 634 -3.83 29.13 -13.33
CA HIS C 634 -3.46 27.85 -12.73
C HIS C 634 -2.37 27.11 -13.51
N GLY C 635 -1.18 27.07 -12.93
CA GLY C 635 -0.08 26.38 -13.57
C GLY C 635 1.26 26.97 -13.13
N TRP C 636 2.34 26.25 -13.39
CA TRP C 636 3.67 26.73 -13.02
C TRP C 636 4.02 27.93 -13.89
N ASP C 637 3.37 28.03 -15.04
CA ASP C 637 3.59 29.15 -15.95
C ASP C 637 2.59 30.24 -15.58
N GLY C 638 1.97 30.09 -14.41
CA GLY C 638 0.98 31.05 -13.96
C GLY C 638 1.21 31.67 -12.59
N ASP C 639 0.17 31.64 -11.75
CA ASP C 639 0.23 32.22 -10.40
C ASP C 639 0.15 31.20 -9.27
N PHE C 640 -0.59 30.11 -9.48
CA PHE C 640 -0.71 29.10 -8.43
C PHE C 640 -0.82 27.70 -9.03
N ALA C 641 -0.62 26.69 -8.21
CA ALA C 641 -0.71 25.31 -8.66
C ALA C 641 -1.08 24.37 -7.53
N TYR C 642 -2.20 23.68 -7.69
CA TYR C 642 -2.64 22.71 -6.70
C TYR C 642 -1.57 21.64 -6.70
N MET C 643 -1.08 21.27 -5.52
CA MET C 643 -0.04 20.27 -5.42
C MET C 643 -0.54 19.01 -4.74
N ALA C 644 -1.46 19.18 -3.79
CA ALA C 644 -2.00 18.03 -3.06
C ALA C 644 -3.30 18.32 -2.33
N TRP C 645 -4.19 17.33 -2.33
CA TRP C 645 -5.45 17.41 -1.64
C TRP C 645 -5.54 16.13 -0.80
N VAL C 646 -5.33 16.28 0.51
CA VAL C 646 -5.36 15.15 1.42
C VAL C 646 -6.50 15.34 2.41
N HIS C 647 -7.58 14.63 2.12
CA HIS C 647 -8.80 14.67 2.92
C HIS C 647 -9.40 16.04 3.16
N ASP C 648 -9.04 16.70 4.26
CA ASP C 648 -9.58 18.02 4.55
C ASP C 648 -8.60 19.18 4.35
N GLU C 649 -7.47 18.93 3.70
CA GLU C 649 -6.50 20.00 3.47
C GLU C 649 -5.99 19.98 2.04
N ILE C 650 -5.58 21.15 1.56
CA ILE C 650 -5.01 21.26 0.24
C ILE C 650 -3.72 22.02 0.44
N GLN C 651 -2.72 21.69 -0.38
CA GLN C 651 -1.43 22.37 -0.33
C GLN C 651 -1.28 22.98 -1.72
N VAL C 652 -1.20 24.30 -1.78
CA VAL C 652 -1.12 25.00 -3.07
C VAL C 652 0.19 25.79 -3.22
N GLY C 653 0.84 25.62 -4.37
CA GLY C 653 2.07 26.33 -4.65
C GLY C 653 1.72 27.70 -5.24
N CYS C 654 2.36 28.75 -4.74
CA CYS C 654 2.08 30.10 -5.22
C CYS C 654 3.35 30.86 -5.62
N ARG C 655 3.29 31.56 -6.74
CA ARG C 655 4.43 32.31 -7.27
C ARG C 655 4.96 33.40 -6.33
N THR C 656 4.08 33.98 -5.51
CA THR C 656 4.47 35.03 -4.56
C THR C 656 3.66 34.94 -3.26
N GLU C 657 4.18 35.58 -2.23
CA GLU C 657 3.54 35.61 -0.92
C GLU C 657 2.15 36.24 -1.04
N GLU C 658 2.07 37.31 -1.82
CA GLU C 658 0.82 38.02 -2.02
C GLU C 658 -0.25 37.07 -2.56
N ILE C 659 0.14 36.25 -3.51
CA ILE C 659 -0.78 35.28 -4.11
C ILE C 659 -1.22 34.24 -3.07
N ALA C 660 -0.28 33.82 -2.23
CA ALA C 660 -0.58 32.82 -1.20
C ALA C 660 -1.61 33.38 -0.24
N GLN C 661 -1.48 34.65 0.10
CA GLN C 661 -2.44 35.28 1.00
C GLN C 661 -3.80 35.32 0.33
N VAL C 662 -3.82 35.57 -0.99
CA VAL C 662 -5.09 35.59 -1.72
C VAL C 662 -5.74 34.21 -1.74
N VAL C 663 -4.92 33.18 -1.96
CA VAL C 663 -5.41 31.80 -1.99
C VAL C 663 -6.04 31.42 -0.65
N ILE C 664 -5.36 31.79 0.42
CA ILE C 664 -5.84 31.50 1.77
C ILE C 664 -7.20 32.16 2.03
N GLU C 665 -7.32 33.45 1.74
CA GLU C 665 -8.60 34.11 1.97
C GLU C 665 -9.66 33.66 0.98
N THR C 666 -9.24 33.29 -0.22
CA THR C 666 -10.20 32.84 -1.22
C THR C 666 -10.78 31.49 -0.80
N ALA C 667 -9.94 30.64 -0.22
CA ALA C 667 -10.36 29.32 0.24
C ALA C 667 -11.42 29.45 1.34
N GLN C 668 -11.27 30.47 2.18
CA GLN C 668 -12.23 30.71 3.27
C GLN C 668 -13.53 31.15 2.62
N GLU C 669 -13.43 32.06 1.66
CA GLU C 669 -14.60 32.52 0.92
C GLU C 669 -15.33 31.33 0.28
N ALA C 670 -14.58 30.46 -0.39
CA ALA C 670 -15.17 29.29 -1.04
C ALA C 670 -15.88 28.36 -0.07
N MET C 671 -15.30 28.17 1.11
CA MET C 671 -15.90 27.29 2.12
C MET C 671 -17.25 27.86 2.58
N ARG C 672 -17.31 29.16 2.84
CA ARG C 672 -18.56 29.78 3.27
C ARG C 672 -19.58 29.63 2.14
N TRP C 673 -19.11 29.77 0.90
CA TRP C 673 -19.99 29.64 -0.25
C TRP C 673 -20.60 28.23 -0.23
N VAL C 674 -19.78 27.23 0.06
CA VAL C 674 -20.27 25.85 0.10
C VAL C 674 -21.31 25.67 1.21
N GLY C 675 -21.04 26.22 2.40
CA GLY C 675 -21.97 26.09 3.50
C GLY C 675 -23.32 26.71 3.19
N ASP C 676 -23.28 27.84 2.49
CA ASP C 676 -24.49 28.55 2.08
C ASP C 676 -25.18 27.79 0.95
N HIS C 677 -24.38 27.28 0.02
CA HIS C 677 -24.86 26.51 -1.12
C HIS C 677 -25.71 25.32 -0.69
N TRP C 678 -25.27 24.62 0.34
CA TRP C 678 -26.02 23.47 0.81
C TRP C 678 -26.84 23.75 2.08
N ASN C 679 -27.14 25.01 2.33
CA ASN C 679 -27.96 25.40 3.48
C ASN C 679 -27.50 24.71 4.77
N PHE C 680 -26.19 24.71 5.01
CA PHE C 680 -25.63 24.06 6.19
C PHE C 680 -26.03 24.78 7.48
N ARG C 681 -26.46 24.00 8.47
CA ARG C 681 -26.90 24.51 9.76
C ARG C 681 -25.76 24.84 10.71
N CYS C 682 -24.55 24.58 10.28
CA CYS C 682 -23.39 24.92 11.09
C CYS C 682 -22.47 25.70 10.17
N LEU C 683 -21.93 26.79 10.69
CA LEU C 683 -21.04 27.63 9.93
C LEU C 683 -19.77 26.84 9.63
N LEU C 684 -19.22 27.00 8.43
CA LEU C 684 -18.01 26.27 8.05
C LEU C 684 -16.83 27.22 7.90
N ASP C 685 -15.66 26.77 8.33
CA ASP C 685 -14.47 27.59 8.23
C ASP C 685 -13.25 26.79 7.80
N THR C 686 -12.18 27.52 7.49
CA THR C 686 -10.92 26.94 7.08
C THR C 686 -9.85 27.72 7.84
N GLU C 687 -8.65 27.16 7.86
CA GLU C 687 -7.51 27.81 8.51
C GLU C 687 -6.36 27.66 7.52
N GLY C 688 -5.66 28.75 7.24
CA GLY C 688 -4.57 28.71 6.29
C GLY C 688 -3.22 29.04 6.91
N LYS C 689 -2.17 28.45 6.36
CA LYS C 689 -0.81 28.68 6.83
C LYS C 689 0.09 28.85 5.63
N MET C 690 1.00 29.81 5.69
CA MET C 690 1.93 30.07 4.59
C MET C 690 3.32 29.59 5.00
N GLY C 691 4.10 29.15 4.01
CA GLY C 691 5.44 28.66 4.29
C GLY C 691 6.13 28.07 3.07
N PRO C 692 7.39 27.63 3.22
CA PRO C 692 8.13 27.05 2.09
C PRO C 692 7.80 25.59 1.75
N ASN C 693 7.31 24.83 2.72
CA ASN C 693 7.02 23.42 2.49
C ASN C 693 5.94 22.80 3.39
N TRP C 694 5.69 21.52 3.18
CA TRP C 694 4.65 20.80 3.92
C TRP C 694 4.93 20.62 5.41
N ALA C 695 6.21 20.69 5.80
CA ALA C 695 6.53 20.54 7.21
C ALA C 695 6.06 21.80 7.95
N ILE C 696 6.26 22.95 7.31
CA ILE C 696 5.88 24.22 7.89
C ILE C 696 4.41 24.55 7.68
N CYS C 697 3.82 24.03 6.60
CA CYS C 697 2.42 24.30 6.30
C CYS C 697 1.42 23.24 6.78
N HIS C 698 1.70 22.61 7.92
CA HIS C 698 0.76 21.62 8.43
C HIS C 698 0.49 21.82 9.91
N LYS D 3 30.44 -42.54 28.28
CA LYS D 3 31.57 -41.60 28.53
C LYS D 3 31.84 -40.72 27.32
N ILE D 4 30.83 -39.98 26.89
CA ILE D 4 30.96 -39.08 25.74
C ILE D 4 31.25 -37.65 26.23
N ILE D 5 32.04 -36.92 25.46
CA ILE D 5 32.38 -35.55 25.79
C ILE D 5 31.35 -34.58 25.20
N HIS D 6 30.71 -33.81 26.06
CA HIS D 6 29.71 -32.83 25.64
C HIS D 6 30.37 -31.47 25.50
N LEU D 7 30.65 -31.08 24.26
CA LEU D 7 31.32 -29.83 23.98
C LEU D 7 30.45 -28.58 24.09
N THR D 8 31.12 -27.44 24.03
CA THR D 8 30.48 -26.12 24.02
C THR D 8 31.34 -25.33 23.05
N ASP D 9 30.83 -24.21 22.56
CA ASP D 9 31.62 -23.37 21.66
C ASP D 9 32.94 -22.96 22.31
N ASP D 10 32.87 -22.55 23.57
CA ASP D 10 34.05 -22.10 24.31
C ASP D 10 35.10 -23.17 24.57
N SER D 11 34.68 -24.42 24.72
CA SER D 11 35.61 -25.52 25.00
C SER D 11 36.08 -26.27 23.76
N PHE D 12 35.43 -26.05 22.62
CA PHE D 12 35.77 -26.74 21.39
C PHE D 12 37.25 -26.67 21.02
N ASP D 13 37.80 -25.48 20.93
CA ASP D 13 39.21 -25.33 20.56
C ASP D 13 40.13 -26.22 21.38
N THR D 14 39.97 -26.19 22.70
CA THR D 14 40.80 -26.98 23.60
C THR D 14 40.48 -28.47 23.62
N ASP D 15 39.20 -28.82 23.72
CA ASP D 15 38.80 -30.23 23.77
C ASP D 15 38.98 -30.98 22.45
N VAL D 16 38.97 -30.27 21.32
CA VAL D 16 39.10 -30.93 20.03
C VAL D 16 40.38 -30.60 19.27
N LEU D 17 40.53 -29.34 18.88
CA LEU D 17 41.69 -28.89 18.12
C LEU D 17 43.05 -28.95 18.83
N LYS D 18 43.06 -29.29 20.12
CA LYS D 18 44.32 -29.37 20.84
C LYS D 18 44.48 -30.68 21.56
N ALA D 19 43.44 -31.51 21.52
CA ALA D 19 43.48 -32.80 22.19
C ALA D 19 44.47 -33.73 21.49
N ASP D 20 44.97 -34.70 22.23
CA ASP D 20 45.92 -35.66 21.68
C ASP D 20 45.15 -36.89 21.19
N GLY D 21 45.42 -37.29 19.96
CA GLY D 21 44.73 -38.44 19.39
C GLY D 21 43.56 -38.07 18.50
N ALA D 22 42.82 -39.09 18.08
CA ALA D 22 41.66 -38.91 17.22
C ALA D 22 40.40 -38.56 18.02
N ILE D 23 39.59 -37.65 17.48
CA ILE D 23 38.35 -37.24 18.14
C ILE D 23 37.21 -37.21 17.13
N LEU D 24 36.14 -37.94 17.41
CA LEU D 24 34.98 -37.94 16.52
C LEU D 24 33.94 -37.00 17.07
N VAL D 25 33.73 -35.88 16.36
CA VAL D 25 32.75 -34.90 16.80
C VAL D 25 31.42 -35.09 16.08
N ASP D 26 30.34 -35.09 16.84
CA ASP D 26 29.00 -35.22 16.28
C ASP D 26 28.19 -33.94 16.45
N PHE D 27 27.93 -33.26 15.34
CA PHE D 27 27.13 -32.04 15.33
C PHE D 27 25.68 -32.49 15.16
N TRP D 28 24.85 -32.16 16.13
CA TRP D 28 23.46 -32.59 16.09
C TRP D 28 22.47 -31.55 16.61
N ALA D 29 21.19 -31.87 16.47
CA ALA D 29 20.11 -31.01 16.94
C ALA D 29 19.03 -31.90 17.53
N GLU D 30 18.35 -31.39 18.55
CA GLU D 30 17.29 -32.13 19.23
C GLU D 30 16.15 -32.49 18.29
N TRP D 31 15.85 -31.60 17.35
CA TRP D 31 14.76 -31.79 16.39
C TRP D 31 15.05 -32.61 15.15
N CYS D 32 16.21 -33.27 15.10
CA CYS D 32 16.57 -34.06 13.92
C CYS D 32 16.36 -35.56 14.15
N GLY D 33 15.45 -36.14 13.37
CA GLY D 33 15.17 -37.56 13.49
C GLY D 33 16.43 -38.39 13.32
N PRO D 34 17.21 -38.14 12.25
CA PRO D 34 18.45 -38.87 12.01
C PRO D 34 19.45 -38.75 13.16
N CYS D 35 19.46 -37.59 13.82
CA CYS D 35 20.36 -37.36 14.95
C CYS D 35 20.00 -38.27 16.11
N LYS D 36 18.70 -38.38 16.39
CA LYS D 36 18.22 -39.21 17.48
C LYS D 36 18.48 -40.69 17.21
N MET D 37 18.55 -41.05 15.93
CA MET D 37 18.82 -42.43 15.54
C MET D 37 20.25 -42.84 15.87
N ILE D 38 21.20 -42.01 15.49
CA ILE D 38 22.61 -42.32 15.72
C ILE D 38 23.10 -42.11 17.15
N ALA D 39 22.37 -41.30 17.94
CA ALA D 39 22.76 -41.02 19.32
C ALA D 39 23.09 -42.29 20.13
N PRO D 40 22.14 -43.23 20.24
CA PRO D 40 22.46 -44.44 21.00
C PRO D 40 23.60 -45.24 20.38
N ILE D 41 23.81 -45.07 19.09
CA ILE D 41 24.89 -45.77 18.41
C ILE D 41 26.22 -45.16 18.87
N LEU D 42 26.23 -43.84 19.03
CA LEU D 42 27.43 -43.15 19.47
C LEU D 42 27.80 -43.56 20.89
N ASP D 43 26.80 -43.80 21.73
CA ASP D 43 27.04 -44.23 23.11
C ASP D 43 27.80 -45.54 23.16
N GLU D 44 27.48 -46.43 22.24
CA GLU D 44 28.12 -47.74 22.17
C GLU D 44 29.54 -47.67 21.63
N ILE D 45 29.73 -46.89 20.57
CA ILE D 45 31.05 -46.74 19.98
C ILE D 45 32.03 -46.13 20.97
N ALA D 46 31.55 -45.16 21.75
CA ALA D 46 32.39 -44.50 22.75
C ALA D 46 32.97 -45.52 23.72
N ASP D 47 32.15 -46.49 24.12
CA ASP D 47 32.58 -47.52 25.06
C ASP D 47 33.53 -48.55 24.48
N GLU D 48 33.26 -48.97 23.25
CA GLU D 48 34.09 -49.98 22.57
C GLU D 48 35.43 -49.44 22.08
N TYR D 49 35.51 -48.14 21.83
CA TYR D 49 36.75 -47.55 21.34
C TYR D 49 37.48 -46.76 22.40
N GLN D 50 37.04 -46.88 23.66
CA GLN D 50 37.68 -46.16 24.74
C GLN D 50 39.16 -46.53 24.77
N GLY D 51 40.00 -45.50 24.76
CA GLY D 51 41.44 -45.73 24.79
C GLY D 51 42.02 -45.63 23.39
N LYS D 52 41.15 -45.74 22.39
CA LYS D 52 41.58 -45.67 20.99
C LYS D 52 40.94 -44.46 20.30
N LEU D 53 39.78 -44.05 20.79
CA LEU D 53 39.06 -42.91 20.22
C LEU D 53 38.25 -42.12 21.25
N THR D 54 38.11 -40.82 21.00
CA THR D 54 37.32 -39.96 21.87
C THR D 54 36.10 -39.44 21.09
N VAL D 55 34.91 -39.78 21.59
CA VAL D 55 33.66 -39.36 20.94
C VAL D 55 33.14 -38.10 21.64
N ALA D 56 32.92 -37.06 20.84
CA ALA D 56 32.42 -35.78 21.35
C ALA D 56 31.18 -35.31 20.58
N LYS D 57 30.29 -34.63 21.28
CA LYS D 57 29.06 -34.11 20.69
C LYS D 57 28.89 -32.60 20.89
N LEU D 58 28.40 -31.94 19.85
CA LEU D 58 28.14 -30.51 19.92
C LEU D 58 26.74 -30.20 19.40
N ASN D 59 25.87 -29.77 20.29
CA ASN D 59 24.50 -29.42 19.90
C ASN D 59 24.56 -28.04 19.25
N ILE D 60 24.24 -27.97 17.96
CA ILE D 60 24.31 -26.70 17.24
C ILE D 60 23.35 -25.57 17.64
N ASP D 61 22.32 -25.87 18.42
CA ASP D 61 21.40 -24.82 18.86
C ASP D 61 21.92 -24.14 20.13
N GLN D 62 22.60 -24.92 20.97
CA GLN D 62 23.16 -24.43 22.22
C GLN D 62 24.53 -23.79 21.99
N ASN D 63 25.20 -24.23 20.92
CA ASN D 63 26.53 -23.73 20.57
C ASN D 63 26.52 -23.43 19.07
N PRO D 64 25.93 -22.30 18.68
CA PRO D 64 25.84 -21.91 17.26
C PRO D 64 27.08 -21.35 16.58
N GLY D 65 28.17 -21.15 17.33
CA GLY D 65 29.36 -20.58 16.72
C GLY D 65 30.36 -21.49 16.03
N THR D 66 30.33 -22.79 16.33
CA THR D 66 31.30 -23.73 15.75
C THR D 66 30.96 -24.35 14.39
N ALA D 67 29.77 -24.93 14.26
CA ALA D 67 29.37 -25.59 13.03
C ALA D 67 29.66 -24.77 11.77
N PRO D 68 29.26 -23.48 11.75
CA PRO D 68 29.51 -22.66 10.57
C PRO D 68 30.96 -22.73 10.05
N LYS D 69 31.90 -22.86 10.96
CA LYS D 69 33.32 -22.92 10.60
C LYS D 69 33.70 -24.11 9.74
N TYR D 70 32.83 -25.12 9.70
CA TYR D 70 33.11 -26.32 8.92
C TYR D 70 32.05 -26.55 7.85
N GLY D 71 31.25 -25.52 7.57
CA GLY D 71 30.22 -25.64 6.55
C GLY D 71 28.94 -26.25 7.05
N ILE D 72 28.92 -27.58 7.13
CA ILE D 72 27.74 -28.31 7.59
C ILE D 72 26.47 -27.91 6.83
N ARG D 73 26.01 -28.83 5.99
CA ARG D 73 24.81 -28.62 5.20
C ARG D 73 23.74 -29.60 5.67
N GLY D 74 24.13 -30.51 6.55
CA GLY D 74 23.21 -31.50 7.09
C GLY D 74 23.66 -32.09 8.41
N ILE D 75 22.73 -32.72 9.12
CA ILE D 75 23.03 -33.33 10.41
C ILE D 75 22.35 -34.69 10.50
N PRO D 76 22.93 -35.63 11.25
CA PRO D 76 24.18 -35.49 12.01
C PRO D 76 25.42 -35.48 11.14
N THR D 77 26.36 -34.61 11.47
CA THR D 77 27.62 -34.53 10.75
C THR D 77 28.70 -35.03 11.68
N LEU D 78 29.41 -36.07 11.25
CA LEU D 78 30.47 -36.66 12.05
C LEU D 78 31.82 -36.29 11.49
N LEU D 79 32.59 -35.52 12.23
CA LEU D 79 33.92 -35.12 11.78
C LEU D 79 34.98 -35.80 12.63
N LEU D 80 35.93 -36.43 11.96
CA LEU D 80 37.01 -37.11 12.65
C LEU D 80 38.21 -36.17 12.66
N PHE D 81 38.62 -35.76 13.86
CA PHE D 81 39.76 -34.86 14.00
C PHE D 81 41.01 -35.62 14.40
N LYS D 82 42.16 -35.11 13.99
CA LYS D 82 43.44 -35.72 14.31
C LYS D 82 44.50 -34.62 14.27
N ASN D 83 45.05 -34.29 15.43
CA ASN D 83 46.07 -33.25 15.53
C ASN D 83 45.52 -31.87 15.17
N GLY D 84 44.28 -31.61 15.57
CA GLY D 84 43.66 -30.33 15.31
C GLY D 84 43.21 -30.08 13.88
N GLU D 85 43.00 -31.14 13.11
CA GLU D 85 42.57 -30.98 11.72
C GLU D 85 41.56 -32.07 11.36
N VAL D 86 40.68 -31.77 10.41
CA VAL D 86 39.68 -32.73 9.96
C VAL D 86 40.30 -33.77 9.05
N ALA D 87 40.27 -35.03 9.48
CA ALA D 87 40.85 -36.12 8.70
C ALA D 87 39.82 -36.84 7.84
N ALA D 88 38.60 -37.01 8.36
CA ALA D 88 37.54 -37.69 7.62
C ALA D 88 36.18 -37.15 8.03
N THR D 89 35.23 -37.25 7.11
CA THR D 89 33.89 -36.75 7.37
C THR D 89 32.76 -37.52 6.68
N LYS D 90 31.73 -37.82 7.47
CA LYS D 90 30.56 -38.53 6.97
C LYS D 90 29.31 -37.82 7.50
N VAL D 91 28.26 -37.79 6.69
CA VAL D 91 27.02 -37.13 7.07
C VAL D 91 25.85 -38.12 7.00
N GLY D 92 25.08 -38.20 8.08
CA GLY D 92 23.94 -39.10 8.11
C GLY D 92 23.98 -40.08 9.26
N ALA D 93 22.85 -40.74 9.50
CA ALA D 93 22.75 -41.71 10.59
C ALA D 93 23.25 -43.10 10.19
N LEU D 94 24.56 -43.27 10.19
CA LEU D 94 25.16 -44.55 9.85
C LEU D 94 24.83 -45.61 10.89
N SER D 95 24.86 -46.87 10.46
CA SER D 95 24.58 -47.98 11.37
C SER D 95 25.84 -48.21 12.19
N LYS D 96 25.70 -48.95 13.28
CA LYS D 96 26.85 -49.24 14.13
C LYS D 96 27.94 -49.88 13.29
N GLY D 97 27.53 -50.67 12.30
CA GLY D 97 28.48 -51.34 11.43
C GLY D 97 29.22 -50.43 10.46
N GLN D 98 28.50 -49.54 9.81
CA GLN D 98 29.10 -48.62 8.85
C GLN D 98 30.07 -47.67 9.57
N LEU D 99 29.72 -47.30 10.79
CA LEU D 99 30.56 -46.39 11.57
C LEU D 99 31.80 -47.15 12.01
N LYS D 100 31.60 -48.33 12.59
CA LYS D 100 32.71 -49.16 13.05
C LYS D 100 33.70 -49.32 11.91
N GLU D 101 33.17 -49.44 10.69
CA GLU D 101 34.00 -49.61 9.50
C GLU D 101 34.68 -48.29 9.15
N PHE D 102 33.94 -47.19 9.28
CA PHE D 102 34.47 -45.87 8.99
C PHE D 102 35.64 -45.55 9.91
N LEU D 103 35.47 -45.85 11.20
CA LEU D 103 36.51 -45.58 12.18
C LEU D 103 37.74 -46.48 12.00
N ASP D 104 37.56 -47.78 12.12
CA ASP D 104 38.68 -48.71 11.96
C ASP D 104 39.50 -48.32 10.74
N ALA D 105 38.81 -48.05 9.64
CA ALA D 105 39.44 -47.67 8.38
C ALA D 105 40.25 -46.39 8.43
N ASN D 106 39.81 -45.42 9.22
CA ASN D 106 40.51 -44.13 9.32
C ASN D 106 41.48 -44.05 10.49
N LEU D 107 41.25 -44.86 11.52
CA LEU D 107 42.10 -44.87 12.70
C LEU D 107 43.45 -45.51 12.39
MG MG E . -8.10 4.99 -24.17
#